data_4E3T
#
_entry.id   4E3T
#
_cell.length_a   85.771
_cell.length_b   85.975
_cell.length_c   88.727
_cell.angle_alpha   90.00
_cell.angle_beta   90.00
_cell.angle_gamma   90.00
#
_symmetry.space_group_name_H-M   'P 21 21 2'
#
loop_
_entity.id
_entity.type
_entity.pdbx_description
1 polymer Phosphotriesterase
2 non-polymer 'ZINC ION'
3 non-polymer 'hexyl(naphthalen-2-yloxy)phosphinic acid'
4 water water
#
_entity_poly.entity_id   1
_entity_poly.type   'polypeptide(L)'
_entity_poly.pdbx_seq_one_letter_code
;MGDRINTVRGPITISEVGFTLTHEHICGSSAGFLRAWPEFFGSREALVEKAVRGLRRARAAGVRTIVDVSTFDLGRDVRL
LAEVSRAADVHIVAATGVWLDPPLSIRMRSVEELTQFFLREIQYGIEDTGIRAGIIKVAITGKVTPFQELVLRAAARASL
ATGVPVITHTAGSQRGGEQQAAIFESEGLSPSRVCIGHSDETDDLSYLTALAARGYLIGLDRIPHSAIGLEDNASATAFM
GSRSWQTRALLIKALIDQGYMKQILVSNDWLFGISSYVTNFMDVMDSVNPDGMAFIPLRVIPFLREKGIPQETLAGITVT
NPARFLSPTLRAS
;
_entity_poly.pdbx_strand_id   A,B
#
loop_
_chem_comp.id
_chem_comp.type
_chem_comp.name
_chem_comp.formula
HLN non-polymer 'hexyl(naphthalen-2-yloxy)phosphinic acid' 'C16 H21 O3 P'
ZN non-polymer 'ZINC ION' 'Zn 2'
#
# COMPACT_ATOMS: atom_id res chain seq x y z
N ARG A 4 25.79 -14.28 -12.91
N ARG A 4 25.48 -14.20 -11.89
CA ARG A 4 24.32 -14.29 -13.07
CA ARG A 4 24.20 -14.37 -12.54
C ARG A 4 23.53 -13.13 -12.42
C ARG A 4 23.26 -13.26 -12.11
N ILE A 5 22.38 -12.84 -13.01
CA ILE A 5 21.46 -11.73 -12.64
C ILE A 5 20.09 -12.39 -12.48
N ASN A 6 19.40 -12.11 -11.39
CA ASN A 6 18.05 -12.69 -11.19
C ASN A 6 17.00 -11.94 -11.99
N THR A 7 16.10 -12.69 -12.63
CA THR A 7 14.96 -12.09 -13.39
C THR A 7 13.72 -12.80 -12.92
N VAL A 8 12.57 -12.33 -13.41
CA VAL A 8 11.32 -12.94 -12.91
C VAL A 8 11.11 -14.38 -13.44
N ARG A 9 11.94 -14.77 -14.41
CA ARG A 9 12.03 -16.18 -14.90
C ARG A 9 13.20 -17.00 -14.38
N GLY A 10 13.94 -16.45 -13.43
CA GLY A 10 15.11 -17.13 -12.93
C GLY A 10 16.41 -16.46 -13.32
N PRO A 11 17.55 -17.10 -12.98
N PRO A 11 17.53 -17.08 -12.94
CA PRO A 11 18.86 -16.45 -13.18
CA PRO A 11 18.85 -16.48 -13.19
C PRO A 11 19.30 -16.52 -14.64
C PRO A 11 19.15 -16.46 -14.68
N ILE A 12 19.89 -15.44 -15.11
CA ILE A 12 20.43 -15.43 -16.46
C ILE A 12 21.89 -15.04 -16.41
N THR A 13 22.65 -15.44 -17.42
CA THR A 13 24.04 -15.03 -17.51
C THR A 13 24.17 -13.64 -18.11
N ILE A 14 25.30 -12.99 -17.78
CA ILE A 14 25.59 -11.67 -18.30
C ILE A 14 25.43 -11.57 -19.79
N SER A 15 25.88 -12.60 -20.51
N SER A 15 25.87 -12.60 -20.52
CA SER A 15 25.81 -12.51 -21.97
CA SER A 15 25.79 -12.57 -21.97
C SER A 15 24.38 -12.58 -22.53
C SER A 15 24.36 -12.51 -22.50
N GLU A 16 23.42 -13.01 -21.71
CA GLU A 16 22.03 -13.09 -22.14
C GLU A 16 21.27 -11.77 -21.96
N VAL A 17 21.84 -10.85 -21.19
CA VAL A 17 21.12 -9.65 -20.83
C VAL A 17 20.86 -8.78 -22.06
N GLY A 18 21.90 -8.58 -22.87
CA GLY A 18 21.64 -7.84 -24.11
C GLY A 18 21.26 -6.37 -23.91
N PHE A 19 20.68 -5.77 -24.94
CA PHE A 19 20.24 -4.38 -24.88
C PHE A 19 19.19 -4.23 -23.76
N THR A 20 19.42 -3.32 -22.83
CA THR A 20 18.61 -3.26 -21.60
C THR A 20 18.06 -1.86 -21.40
N LEU A 21 16.78 -1.76 -21.01
CA LEU A 21 16.16 -0.51 -20.57
C LEU A 21 16.20 -0.61 -19.05
N THR A 22 17.06 0.17 -18.40
CA THR A 22 17.31 0.03 -16.97
C THR A 22 16.28 0.72 -16.04
N HIS A 23 15.41 1.56 -16.58
N HIS A 23 15.31 1.46 -16.57
CA HIS A 23 14.34 2.13 -15.79
CA HIS A 23 14.34 2.11 -15.68
C HIS A 23 13.05 1.98 -16.57
C HIS A 23 13.01 2.09 -16.42
N GLU A 24 12.18 1.11 -16.08
CA GLU A 24 10.87 0.90 -16.71
C GLU A 24 9.89 0.41 -15.65
N HIS A 25 8.64 0.26 -16.04
N HIS A 25 8.62 0.38 -16.03
CA HIS A 25 7.64 -0.33 -15.17
CA HIS A 25 7.65 -0.29 -15.15
C HIS A 25 6.63 -1.04 -16.04
C HIS A 25 6.68 -1.04 -16.05
N ILE A 26 6.13 -2.19 -15.62
CA ILE A 26 4.97 -2.71 -16.34
C ILE A 26 3.69 -1.94 -15.93
N CYS A 27 3.50 -1.73 -14.61
CA CYS A 27 2.30 -1.03 -14.14
C CYS A 27 2.67 -0.15 -12.96
N GLY A 28 2.38 1.15 -12.98
CA GLY A 28 2.58 1.96 -11.79
C GLY A 28 1.31 1.94 -10.95
N SER A 29 1.40 1.44 -9.75
CA SER A 29 0.15 1.20 -9.00
C SER A 29 0.48 1.26 -7.52
N SER A 30 -0.33 0.64 -6.67
CA SER A 30 -0.10 0.62 -5.24
C SER A 30 -0.19 -0.85 -4.79
N ALA A 31 0.45 -1.16 -3.68
CA ALA A 31 0.45 -2.57 -3.19
C ALA A 31 -1.00 -3.07 -3.03
N GLY A 32 -1.24 -4.27 -3.55
CA GLY A 32 -2.56 -4.91 -3.52
C GLY A 32 -3.60 -4.41 -4.51
N PHE A 33 -3.35 -3.28 -5.18
CA PHE A 33 -4.39 -2.64 -5.94
C PHE A 33 -4.82 -3.40 -7.18
N LEU A 34 -3.88 -3.97 -7.94
CA LEU A 34 -4.22 -4.66 -9.18
C LEU A 34 -5.08 -5.93 -8.75
N ARG A 35 -4.76 -6.52 -7.63
CA ARG A 35 -5.55 -7.67 -7.20
C ARG A 35 -6.94 -7.24 -6.69
N ALA A 36 -7.02 -6.08 -6.03
CA ALA A 36 -8.31 -5.65 -5.44
C ALA A 36 -9.25 -5.00 -6.49
N TRP A 37 -8.68 -4.31 -7.48
CA TRP A 37 -9.53 -3.61 -8.45
C TRP A 37 -8.96 -3.67 -9.84
N PRO A 38 -8.86 -4.88 -10.40
CA PRO A 38 -8.28 -5.01 -11.72
C PRO A 38 -9.07 -4.29 -12.82
N GLU A 39 -10.39 -4.11 -12.58
CA GLU A 39 -11.22 -3.40 -13.56
C GLU A 39 -10.85 -1.96 -13.69
N PHE A 40 -10.09 -1.41 -12.72
CA PHE A 40 -9.54 -0.08 -12.98
C PHE A 40 -8.73 -0.01 -14.31
N PHE A 41 -8.07 -1.13 -14.67
CA PHE A 41 -7.24 -1.31 -15.87
C PHE A 41 -7.98 -1.90 -17.08
N GLY A 42 -9.31 -1.94 -16.89
CA GLY A 42 -10.26 -2.60 -17.77
C GLY A 42 -10.39 -4.08 -17.40
N SER A 43 -9.28 -4.75 -17.12
CA SER A 43 -9.23 -6.08 -16.54
C SER A 43 -7.75 -6.44 -16.44
N ARG A 44 -7.43 -7.41 -15.57
CA ARG A 44 -6.03 -7.92 -15.58
C ARG A 44 -5.63 -8.45 -16.96
N GLU A 45 -6.55 -9.13 -17.63
N GLU A 45 -6.52 -9.17 -17.65
CA GLU A 45 -6.34 -9.73 -18.93
CA GLU A 45 -6.20 -9.71 -18.98
C GLU A 45 -5.97 -8.63 -19.96
C GLU A 45 -5.92 -8.59 -19.97
N ALA A 46 -6.65 -7.49 -19.84
CA ALA A 46 -6.42 -6.38 -20.74
C ALA A 46 -5.04 -5.72 -20.50
N LEU A 47 -4.66 -5.63 -19.21
CA LEU A 47 -3.35 -5.04 -18.87
C LEU A 47 -2.23 -5.95 -19.39
N VAL A 48 -2.45 -7.28 -19.26
CA VAL A 48 -1.43 -8.26 -19.70
C VAL A 48 -1.25 -8.12 -21.21
N GLU A 49 -2.35 -8.11 -21.93
CA GLU A 49 -2.29 -8.03 -23.39
C GLU A 49 -1.58 -6.77 -23.85
N LYS A 50 -1.91 -5.65 -23.24
N LYS A 50 -1.91 -5.64 -23.22
CA LYS A 50 -1.25 -4.42 -23.62
CA LYS A 50 -1.30 -4.33 -23.49
C LYS A 50 0.23 -4.51 -23.31
C LYS A 50 0.21 -4.35 -23.22
N ALA A 51 0.58 -4.96 -22.12
CA ALA A 51 2.01 -5.05 -21.77
C ALA A 51 2.78 -6.01 -22.71
N VAL A 52 2.17 -7.13 -23.05
CA VAL A 52 2.80 -8.11 -23.93
C VAL A 52 3.04 -7.49 -25.30
N ARG A 53 2.02 -6.78 -25.83
CA ARG A 53 2.23 -6.14 -27.11
C ARG A 53 3.33 -5.08 -27.03
N GLY A 54 3.33 -4.31 -25.94
CA GLY A 54 4.29 -3.23 -25.82
C GLY A 54 5.71 -3.82 -25.65
N LEU A 55 5.85 -4.93 -24.92
CA LEU A 55 7.20 -5.49 -24.75
C LEU A 55 7.63 -6.19 -26.02
N ARG A 56 6.67 -6.77 -26.75
CA ARG A 56 7.04 -7.38 -28.05
C ARG A 56 7.51 -6.30 -29.05
N ARG A 57 6.87 -5.12 -29.01
CA ARG A 57 7.33 -3.99 -29.83
C ARG A 57 8.79 -3.59 -29.47
N ALA A 58 9.04 -3.49 -28.16
CA ALA A 58 10.36 -3.10 -27.69
C ALA A 58 11.36 -4.17 -28.16
N ARG A 59 10.97 -5.45 -28.03
CA ARG A 59 11.88 -6.54 -28.45
C ARG A 59 12.23 -6.48 -29.95
N ALA A 60 11.24 -6.16 -30.75
CA ALA A 60 11.46 -6.15 -32.18
C ALA A 60 12.34 -4.93 -32.54
N ALA A 61 12.41 -3.97 -31.63
CA ALA A 61 13.32 -2.83 -31.76
C ALA A 61 14.70 -3.07 -31.15
N GLY A 62 14.93 -4.29 -30.67
CA GLY A 62 16.23 -4.76 -30.23
C GLY A 62 16.33 -4.92 -28.71
N VAL A 63 15.30 -4.48 -27.94
CA VAL A 63 15.37 -4.65 -26.47
C VAL A 63 15.37 -6.11 -26.02
N ARG A 64 16.30 -6.54 -25.15
CA ARG A 64 16.28 -7.93 -24.65
C ARG A 64 15.89 -8.06 -23.18
N THR A 65 16.08 -6.95 -22.42
CA THR A 65 15.86 -6.97 -20.94
C THR A 65 15.30 -5.62 -20.58
N ILE A 66 14.34 -5.63 -19.66
CA ILE A 66 13.98 -4.35 -18.99
C ILE A 66 14.20 -4.55 -17.49
N VAL A 67 14.43 -3.44 -16.78
CA VAL A 67 14.44 -3.49 -15.30
C VAL A 67 13.19 -2.77 -14.85
N ASP A 68 12.31 -3.53 -14.19
CA ASP A 68 11.08 -2.91 -13.65
C ASP A 68 11.41 -2.46 -12.26
N VAL A 69 11.44 -1.13 -12.09
CA VAL A 69 11.91 -0.54 -10.86
C VAL A 69 10.75 -0.35 -9.90
N SER A 70 9.62 -1.01 -10.14
CA SER A 70 8.48 -0.82 -9.27
C SER A 70 8.71 -1.52 -7.93
N THR A 71 8.54 -0.79 -6.84
CA THR A 71 8.71 -1.38 -5.52
C THR A 71 7.38 -1.94 -5.02
N PHE A 72 7.45 -2.55 -3.85
CA PHE A 72 6.20 -2.96 -3.20
C PHE A 72 5.17 -1.82 -3.22
N ASP A 73 5.59 -0.64 -2.83
CA ASP A 73 4.59 0.47 -2.69
C ASP A 73 4.17 1.11 -4.02
N LEU A 74 4.90 0.79 -5.09
CA LEU A 74 4.44 1.12 -6.46
C LEU A 74 3.57 -0.01 -7.05
N GLY A 75 3.18 -0.94 -6.18
CA GLY A 75 2.22 -1.93 -6.63
C GLY A 75 2.82 -3.06 -7.51
N ARG A 76 4.13 -3.23 -7.41
CA ARG A 76 4.77 -4.30 -8.14
C ARG A 76 4.00 -5.61 -7.96
N ASP A 77 3.68 -6.27 -9.09
CA ASP A 77 3.04 -7.62 -9.04
C ASP A 77 3.99 -8.53 -9.84
N VAL A 78 4.80 -9.30 -9.12
CA VAL A 78 5.82 -10.10 -9.80
C VAL A 78 5.19 -11.21 -10.62
N ARG A 79 3.96 -11.63 -10.27
CA ARG A 79 3.36 -12.66 -11.09
C ARG A 79 2.94 -12.05 -12.44
N LEU A 80 2.53 -10.77 -12.42
CA LEU A 80 2.24 -10.08 -13.68
C LEU A 80 3.52 -9.96 -14.50
N LEU A 81 4.61 -9.63 -13.83
CA LEU A 81 5.85 -9.41 -14.55
C LEU A 81 6.25 -10.76 -15.16
N ALA A 82 6.20 -11.84 -14.38
CA ALA A 82 6.59 -13.14 -14.91
C ALA A 82 5.74 -13.56 -16.15
N GLU A 83 4.43 -13.32 -16.06
CA GLU A 83 3.56 -13.63 -17.17
C GLU A 83 3.89 -12.88 -18.46
N VAL A 84 4.10 -11.57 -18.31
CA VAL A 84 4.34 -10.77 -19.48
C VAL A 84 5.77 -11.06 -20.02
N SER A 85 6.73 -11.32 -19.14
CA SER A 85 8.12 -11.62 -19.58
C SER A 85 8.10 -12.89 -20.41
N ARG A 86 7.41 -13.91 -19.92
CA ARG A 86 7.32 -15.17 -20.68
C ARG A 86 6.66 -15.01 -22.07
N ALA A 87 5.52 -14.32 -22.10
CA ALA A 87 4.77 -14.17 -23.35
C ALA A 87 5.51 -13.28 -24.34
N ALA A 88 6.25 -12.27 -23.83
CA ALA A 88 6.99 -11.38 -24.73
C ALA A 88 8.43 -11.80 -25.06
N ASP A 89 8.92 -12.80 -24.35
CA ASP A 89 10.30 -13.26 -24.43
C ASP A 89 11.26 -12.06 -24.22
N VAL A 90 10.99 -11.25 -23.17
CA VAL A 90 11.92 -10.14 -22.80
C VAL A 90 12.18 -10.37 -21.33
N HIS A 91 13.43 -10.37 -20.96
CA HIS A 91 13.76 -10.61 -19.54
C HIS A 91 13.30 -9.41 -18.75
N ILE A 92 12.81 -9.65 -17.50
CA ILE A 92 12.50 -8.52 -16.67
C ILE A 92 13.17 -8.74 -15.31
N VAL A 93 13.92 -7.74 -14.86
CA VAL A 93 14.53 -7.80 -13.52
C VAL A 93 13.57 -7.05 -12.59
N ALA A 94 13.22 -7.67 -11.45
CA ALA A 94 12.35 -6.97 -10.55
C ALA A 94 13.11 -6.23 -9.44
N ALA A 95 12.38 -5.41 -8.72
CA ALA A 95 12.97 -4.54 -7.71
C ALA A 95 12.49 -4.74 -6.32
N THR A 96 13.38 -4.48 -5.35
CA THR A 96 12.92 -4.22 -3.97
C THR A 96 13.08 -2.70 -3.69
N GLY A 97 12.95 -2.28 -2.43
CA GLY A 97 13.14 -0.85 -2.09
C GLY A 97 11.84 -0.18 -1.69
N VAL A 98 11.90 1.14 -1.58
CA VAL A 98 10.73 1.94 -1.17
C VAL A 98 10.66 3.19 -2.00
N TRP A 99 9.52 3.40 -2.67
CA TRP A 99 9.24 4.56 -3.50
C TRP A 99 8.56 5.65 -2.59
N LEU A 100 7.76 6.54 -3.16
CA LEU A 100 7.27 7.70 -2.45
C LEU A 100 5.89 7.54 -1.75
N ASP A 101 5.36 6.31 -1.81
CA ASP A 101 4.05 6.10 -1.20
C ASP A 101 4.08 4.88 -0.21
N PRO A 102 5.01 4.90 0.73
CA PRO A 102 5.03 3.76 1.66
C PRO A 102 3.82 3.80 2.57
N PRO A 103 3.20 2.64 2.75
CA PRO A 103 2.09 2.63 3.75
C PRO A 103 2.62 2.60 5.17
N LEU A 104 1.73 2.66 6.19
CA LEU A 104 2.18 2.69 7.55
C LEU A 104 3.11 1.49 7.91
N SER A 105 2.76 0.29 7.40
CA SER A 105 3.55 -0.88 7.78
C SER A 105 5.01 -0.80 7.32
N ILE A 106 5.26 -0.02 6.26
CA ILE A 106 6.62 0.31 5.88
C ILE A 106 7.20 1.58 6.57
N ARG A 107 6.41 2.67 6.58
CA ARG A 107 7.00 3.92 7.10
C ARG A 107 7.21 3.96 8.62
N MET A 108 6.58 3.01 9.36
CA MET A 108 6.89 2.82 10.73
C MET A 108 8.17 2.00 11.03
N ARG A 109 8.80 1.48 9.99
CA ARG A 109 9.94 0.55 10.18
C ARG A 109 11.27 1.24 10.47
N SER A 110 12.16 0.58 11.18
CA SER A 110 13.51 1.12 11.43
C SER A 110 14.42 0.78 10.23
N VAL A 111 15.62 1.36 10.26
CA VAL A 111 16.59 1.08 9.21
C VAL A 111 16.87 -0.43 9.23
N GLU A 112 17.00 -1.02 10.40
CA GLU A 112 17.33 -2.44 10.47
C GLU A 112 16.22 -3.30 9.89
N GLU A 113 14.97 -2.88 10.13
CA GLU A 113 13.83 -3.65 9.63
C GLU A 113 13.74 -3.53 8.13
N LEU A 114 13.88 -2.33 7.63
CA LEU A 114 13.85 -2.18 6.16
C LEU A 114 15.00 -2.93 5.49
N THR A 115 16.15 -2.98 6.14
CA THR A 115 17.29 -3.75 5.59
C THR A 115 16.87 -5.22 5.50
N GLN A 116 16.21 -5.73 6.52
CA GLN A 116 15.76 -7.15 6.44
C GLN A 116 14.72 -7.39 5.36
N PHE A 117 13.83 -6.41 5.20
CA PHE A 117 12.78 -6.57 4.18
C PHE A 117 13.47 -6.60 2.80
N PHE A 118 14.40 -5.68 2.55
CA PHE A 118 15.04 -5.69 1.22
C PHE A 118 15.81 -7.00 1.03
N LEU A 119 16.51 -7.44 2.09
CA LEU A 119 17.23 -8.72 1.98
C LEU A 119 16.32 -9.90 1.74
N ARG A 120 15.14 -9.95 2.35
CA ARG A 120 14.20 -11.00 2.06
C ARG A 120 13.88 -11.04 0.55
N GLU A 121 13.59 -9.88 -0.05
CA GLU A 121 13.15 -9.84 -1.46
C GLU A 121 14.29 -10.14 -2.40
N ILE A 122 15.53 -9.83 -2.00
CA ILE A 122 16.68 -10.17 -2.85
C ILE A 122 17.17 -11.63 -2.70
N GLN A 123 17.27 -12.05 -1.43
CA GLN A 123 17.85 -13.38 -1.10
C GLN A 123 16.91 -14.57 -1.11
N TYR A 124 15.69 -14.34 -0.67
CA TYR A 124 14.69 -15.40 -0.51
C TYR A 124 13.72 -15.38 -1.70
N GLY A 125 13.06 -14.23 -1.91
CA GLY A 125 12.13 -14.10 -3.02
C GLY A 125 11.03 -13.10 -2.64
N ILE A 126 10.21 -12.73 -3.62
CA ILE A 126 9.13 -11.75 -3.40
C ILE A 126 7.84 -12.56 -3.17
N GLU A 127 7.17 -12.18 -2.09
CA GLU A 127 5.99 -12.88 -1.65
C GLU A 127 6.30 -14.38 -1.53
N ASP A 128 5.42 -15.19 -2.10
CA ASP A 128 5.56 -16.65 -2.10
C ASP A 128 6.14 -17.22 -3.38
N THR A 129 6.67 -16.35 -4.22
CA THR A 129 6.93 -16.74 -5.61
C THR A 129 8.34 -17.33 -5.87
N GLY A 130 9.28 -17.12 -4.98
CA GLY A 130 10.69 -17.47 -5.26
C GLY A 130 11.38 -16.54 -6.26
N ILE A 131 10.67 -15.53 -6.75
CA ILE A 131 11.29 -14.60 -7.68
C ILE A 131 12.09 -13.59 -6.88
N ARG A 132 13.37 -13.39 -7.22
CA ARG A 132 14.27 -12.60 -6.37
C ARG A 132 14.55 -11.24 -7.03
N ALA A 133 14.56 -10.18 -6.22
CA ALA A 133 14.79 -8.85 -6.77
C ALA A 133 16.27 -8.78 -7.24
N GLY A 134 16.46 -8.08 -8.36
CA GLY A 134 17.84 -7.83 -8.85
C GLY A 134 18.31 -6.39 -8.74
N ILE A 135 17.54 -5.55 -8.12
N ILE A 135 17.48 -5.53 -8.19
CA ILE A 135 17.89 -4.13 -7.94
CA ILE A 135 17.86 -4.12 -7.96
C ILE A 135 17.12 -3.59 -6.75
C ILE A 135 17.07 -3.55 -6.79
N ILE A 136 17.63 -2.52 -6.17
CA ILE A 136 16.94 -1.84 -5.07
C ILE A 136 16.60 -0.41 -5.51
N LYS A 137 15.32 -0.06 -5.46
CA LYS A 137 14.84 1.27 -5.87
C LYS A 137 14.54 2.11 -4.66
N VAL A 138 15.02 3.35 -4.64
CA VAL A 138 14.76 4.25 -3.51
C VAL A 138 14.41 5.60 -4.11
N ALA A 139 13.74 6.45 -3.36
CA ALA A 139 13.38 7.75 -3.89
C ALA A 139 13.40 8.77 -2.79
N ILE A 140 13.64 10.01 -3.15
CA ILE A 140 13.68 11.03 -2.15
C ILE A 140 13.02 12.23 -2.73
N THR A 141 12.67 13.14 -1.84
CA THR A 141 12.18 14.44 -2.28
C THR A 141 13.02 15.55 -1.67
N GLY A 142 13.04 16.70 -2.34
CA GLY A 142 13.50 17.92 -1.71
C GLY A 142 14.84 17.75 -1.06
N LYS A 143 14.81 18.11 0.21
CA LYS A 143 15.84 17.80 1.15
C LYS A 143 15.32 16.46 1.60
N VAL A 144 16.18 15.47 1.53
CA VAL A 144 15.86 14.09 1.92
C VAL A 144 15.21 14.09 3.30
N THR A 145 14.04 13.47 3.43
CA THR A 145 13.38 13.42 4.70
C THR A 145 14.04 12.41 5.63
N PRO A 146 13.67 12.44 6.93
CA PRO A 146 14.30 11.45 7.81
C PRO A 146 13.95 10.03 7.43
N PHE A 147 12.71 9.78 7.03
CA PHE A 147 12.37 8.42 6.64
C PHE A 147 13.14 8.02 5.35
N GLN A 148 13.27 8.95 4.39
CA GLN A 148 13.97 8.62 3.15
C GLN A 148 15.41 8.32 3.46
N GLU A 149 15.94 9.01 4.46
CA GLU A 149 17.37 8.70 4.84
C GLU A 149 17.50 7.25 5.35
N LEU A 150 16.54 6.81 6.17
CA LEU A 150 16.50 5.40 6.59
C LEU A 150 16.46 4.46 5.44
N VAL A 151 15.61 4.75 4.45
CA VAL A 151 15.49 3.93 3.27
C VAL A 151 16.82 3.87 2.51
N LEU A 152 17.47 5.03 2.34
CA LEU A 152 18.76 5.02 1.64
C LEU A 152 19.84 4.18 2.35
N ARG A 153 19.85 4.28 3.67
CA ARG A 153 20.87 3.51 4.40
C ARG A 153 20.53 2.01 4.38
N ALA A 154 19.23 1.65 4.49
CA ALA A 154 18.85 0.23 4.39
C ALA A 154 19.21 -0.29 2.99
N ALA A 155 18.97 0.54 1.97
CA ALA A 155 19.36 0.15 0.63
C ALA A 155 20.88 -0.08 0.49
N ALA A 156 21.65 0.86 1.03
CA ALA A 156 23.11 0.69 0.97
C ALA A 156 23.48 -0.63 1.68
N ARG A 157 22.91 -0.90 2.85
CA ARG A 157 23.28 -2.13 3.59
C ARG A 157 22.86 -3.39 2.86
N ALA A 158 21.65 -3.36 2.23
CA ALA A 158 21.24 -4.49 1.43
C ALA A 158 22.12 -4.71 0.19
N SER A 159 22.51 -3.64 -0.49
CA SER A 159 23.45 -3.74 -1.61
C SER A 159 24.80 -4.29 -1.16
N LEU A 160 25.25 -3.85 -0.02
CA LEU A 160 26.63 -4.27 0.43
C LEU A 160 26.60 -5.75 0.79
N ALA A 161 25.44 -6.25 1.25
CA ALA A 161 25.35 -7.66 1.60
C ALA A 161 25.18 -8.58 0.36
N THR A 162 24.51 -8.10 -0.68
CA THR A 162 24.20 -8.90 -1.87
C THR A 162 24.86 -8.59 -3.21
N GLY A 163 25.47 -7.43 -3.30
CA GLY A 163 26.02 -6.96 -4.56
C GLY A 163 25.00 -6.35 -5.55
N VAL A 164 23.70 -6.37 -5.25
CA VAL A 164 22.78 -5.83 -6.24
C VAL A 164 22.84 -4.28 -6.22
N PRO A 165 22.65 -3.66 -7.38
CA PRO A 165 22.78 -2.19 -7.36
C PRO A 165 21.55 -1.49 -6.85
N VAL A 166 21.70 -0.18 -6.73
CA VAL A 166 20.66 0.74 -6.21
C VAL A 166 20.36 1.75 -7.29
N ILE A 167 19.05 2.00 -7.56
CA ILE A 167 18.65 3.10 -8.43
C ILE A 167 17.83 4.08 -7.64
N THR A 168 18.21 5.36 -7.67
N THR A 168 17.96 5.34 -7.93
CA THR A 168 17.56 6.41 -6.82
CA THR A 168 17.16 6.30 -7.22
C THR A 168 17.21 7.66 -7.63
C THR A 168 16.28 7.09 -8.15
N HIS A 169 16.29 8.48 -7.13
N HIS A 169 15.14 7.43 -7.56
CA HIS A 169 16.02 9.76 -7.80
CA HIS A 169 14.24 8.49 -8.02
C HIS A 169 15.52 10.76 -6.83
C HIS A 169 14.64 9.77 -7.32
N THR A 170 15.63 12.04 -7.20
N THR A 170 14.80 10.87 -8.03
CA THR A 170 15.02 13.11 -6.43
CA THR A 170 14.83 12.13 -7.25
C THR A 170 13.81 13.63 -7.17
C THR A 170 13.58 13.03 -7.57
N ALA A 171 12.64 13.31 -6.61
CA ALA A 171 11.32 13.91 -7.03
C ALA A 171 11.13 15.37 -6.65
N GLY A 172 10.60 16.13 -7.62
CA GLY A 172 10.17 17.50 -7.39
C GLY A 172 11.26 18.55 -7.51
N SER A 173 12.44 18.12 -7.94
CA SER A 173 13.56 19.02 -8.17
C SER A 173 14.56 18.45 -9.17
N GLN A 174 15.47 19.28 -9.65
CA GLN A 174 16.41 18.90 -10.70
C GLN A 174 17.84 18.70 -10.20
N ARG A 175 18.02 18.58 -8.91
CA ARG A 175 19.32 18.20 -8.34
C ARG A 175 19.05 17.39 -7.09
N GLY A 176 20.07 17.18 -6.26
CA GLY A 176 19.85 16.48 -5.01
C GLY A 176 20.36 15.06 -5.01
N GLY A 177 21.02 14.67 -6.11
CA GLY A 177 21.83 13.47 -6.15
C GLY A 177 22.95 13.63 -5.12
N GLU A 178 23.32 14.86 -4.79
CA GLU A 178 24.40 15.12 -3.83
C GLU A 178 24.08 14.66 -2.39
N GLN A 179 22.81 14.79 -2.05
N GLN A 179 22.97 15.08 -1.80
CA GLN A 179 22.17 14.21 -0.86
CA GLN A 179 22.82 14.69 -0.41
C GLN A 179 22.21 12.68 -0.88
C GLN A 179 22.66 13.17 -0.37
N GLN A 180 21.79 12.06 -1.98
N GLN A 180 22.12 12.60 -1.45
CA GLN A 180 21.83 10.60 -2.01
CA GLN A 180 22.00 11.15 -1.62
C GLN A 180 23.29 10.14 -1.93
C GLN A 180 23.37 10.48 -1.60
N ALA A 181 24.21 10.89 -2.55
CA ALA A 181 25.59 10.40 -2.64
C ALA A 181 26.26 10.47 -1.26
N ALA A 182 26.01 11.55 -0.53
CA ALA A 182 26.65 11.69 0.80
C ALA A 182 26.24 10.55 1.73
N ILE A 183 24.95 10.25 1.74
CA ILE A 183 24.43 9.19 2.61
C ILE A 183 24.98 7.82 2.16
N PHE A 184 24.90 7.54 0.89
CA PHE A 184 25.41 6.26 0.39
C PHE A 184 26.91 6.11 0.73
N GLU A 185 27.69 7.16 0.48
CA GLU A 185 29.10 7.07 0.76
C GLU A 185 29.36 6.92 2.27
N SER A 186 28.55 7.55 3.09
CA SER A 186 28.73 7.38 4.57
C SER A 186 28.57 5.92 5.02
N GLU A 187 27.80 5.13 4.27
CA GLU A 187 27.57 3.70 4.55
C GLU A 187 28.65 2.80 3.98
N GLY A 188 29.56 3.34 3.14
CA GLY A 188 30.60 2.51 2.56
C GLY A 188 30.19 1.96 1.20
N LEU A 189 29.08 2.44 0.61
CA LEU A 189 28.68 1.96 -0.71
C LEU A 189 29.51 2.56 -1.84
N SER A 190 29.95 1.73 -2.79
N SER A 190 29.97 1.72 -2.76
CA SER A 190 30.68 2.25 -3.95
CA SER A 190 30.70 2.25 -3.95
C SER A 190 29.75 2.98 -4.92
C SER A 190 29.74 3.00 -4.89
N PRO A 191 30.13 4.19 -5.36
CA PRO A 191 29.25 4.87 -6.35
C PRO A 191 28.90 4.03 -7.60
N SER A 192 29.79 3.09 -7.99
CA SER A 192 29.53 2.22 -9.12
C SER A 192 28.39 1.26 -8.94
N ARG A 193 27.84 1.20 -7.72
CA ARG A 193 26.63 0.41 -7.48
C ARG A 193 25.40 1.29 -7.54
N VAL A 194 25.57 2.58 -7.82
CA VAL A 194 24.40 3.49 -7.67
C VAL A 194 24.10 4.22 -8.98
N CYS A 195 22.83 4.20 -9.43
CA CYS A 195 22.40 5.09 -10.55
C CYS A 195 21.58 6.21 -9.97
N ILE A 196 21.96 7.44 -10.30
CA ILE A 196 21.15 8.59 -9.93
C ILE A 196 20.21 8.80 -11.08
N GLY A 197 18.93 8.43 -10.82
CA GLY A 197 17.92 8.39 -11.88
C GLY A 197 17.22 9.73 -12.06
N HIS A 198 16.45 9.81 -13.15
CA HIS A 198 15.78 11.06 -13.57
C HIS A 198 16.70 12.21 -13.70
N SER A 199 17.96 11.93 -14.02
CA SER A 199 18.95 12.99 -14.19
C SER A 199 18.74 13.80 -15.47
N ASP A 200 17.93 13.34 -16.42
CA ASP A 200 17.60 14.13 -17.59
C ASP A 200 16.62 15.26 -17.28
N GLU A 201 16.12 15.30 -16.03
CA GLU A 201 15.23 16.41 -15.67
C GLU A 201 15.97 17.73 -15.48
N THR A 202 17.29 17.68 -15.36
N THR A 202 17.30 17.65 -15.41
CA THR A 202 18.01 18.93 -15.18
CA THR A 202 18.16 18.79 -15.10
C THR A 202 18.75 19.25 -16.44
C THR A 202 19.01 19.23 -16.31
N ASP A 203 19.02 20.52 -16.61
CA ASP A 203 19.87 20.99 -17.67
C ASP A 203 21.23 21.35 -17.11
N ASP A 204 21.49 21.07 -15.83
CA ASP A 204 22.76 21.50 -15.29
C ASP A 204 23.75 20.37 -15.49
N LEU A 205 24.60 20.56 -16.50
CA LEU A 205 25.59 19.58 -16.94
C LEU A 205 26.78 19.54 -15.98
N SER A 206 27.21 20.67 -15.44
CA SER A 206 28.32 20.59 -14.47
C SER A 206 27.95 19.66 -13.30
N TYR A 207 26.70 19.74 -12.82
CA TYR A 207 26.21 18.84 -11.75
C TYR A 207 26.25 17.34 -12.14
N LEU A 208 25.81 17.01 -13.35
CA LEU A 208 25.81 15.60 -13.79
C LEU A 208 27.27 15.10 -14.01
N THR A 209 28.04 15.97 -14.67
N THR A 209 28.10 15.95 -14.58
CA THR A 209 29.47 15.73 -14.93
CA THR A 209 29.48 15.55 -14.79
C THR A 209 30.16 15.36 -13.64
C THR A 209 30.23 15.31 -13.47
N ALA A 210 29.91 16.15 -12.60
N ALA A 210 30.00 16.16 -12.48
CA ALA A 210 30.57 15.94 -11.32
CA ALA A 210 30.64 15.94 -11.18
C ALA A 210 30.24 14.59 -10.68
C ALA A 210 30.22 14.61 -10.53
N LEU A 211 28.95 14.23 -10.64
CA LEU A 211 28.55 12.91 -10.13
C LEU A 211 29.22 11.77 -10.94
N ALA A 212 29.28 11.93 -12.26
CA ALA A 212 29.85 10.85 -13.11
C ALA A 212 31.35 10.71 -12.83
N ALA A 213 32.01 11.84 -12.62
CA ALA A 213 33.42 11.81 -12.20
C ALA A 213 33.65 11.11 -10.87
N ARG A 214 32.66 11.14 -9.98
CA ARG A 214 32.76 10.34 -8.77
C ARG A 214 32.49 8.83 -8.94
N GLY A 215 32.02 8.41 -10.11
CA GLY A 215 31.81 7.02 -10.43
C GLY A 215 30.32 6.60 -10.35
N TYR A 216 29.45 7.55 -10.06
CA TYR A 216 27.95 7.23 -10.06
C TYR A 216 27.55 7.00 -11.51
N LEU A 217 26.57 6.12 -11.71
N LEU A 217 26.54 6.12 -11.68
CA LEU A 217 25.94 6.05 -13.01
CA LEU A 217 25.84 5.97 -12.94
C LEU A 217 24.83 7.12 -13.07
C LEU A 217 24.80 7.09 -13.05
N ILE A 218 24.63 7.64 -14.26
CA ILE A 218 23.73 8.77 -14.47
C ILE A 218 22.54 8.23 -15.29
N GLY A 219 21.37 8.12 -14.65
CA GLY A 219 20.16 7.65 -15.38
C GLY A 219 19.58 8.78 -16.21
N LEU A 220 19.63 8.71 -17.54
CA LEU A 220 18.88 9.69 -18.28
C LEU A 220 17.78 8.76 -18.76
N ASP A 221 16.78 8.71 -17.90
CA ASP A 221 15.76 7.69 -18.00
C ASP A 221 14.35 8.12 -18.26
N ARG A 222 14.13 9.45 -18.33
CA ARG A 222 12.82 10.06 -18.58
C ARG A 222 12.58 10.64 -19.97
N ILE A 223 13.49 10.30 -20.88
CA ILE A 223 13.54 11.03 -22.16
C ILE A 223 12.20 11.37 -22.86
N PRO A 224 11.26 10.40 -23.07
CA PRO A 224 9.98 10.69 -23.69
C PRO A 224 8.98 11.54 -22.83
N HIS A 225 9.26 11.71 -21.53
CA HIS A 225 8.38 12.49 -20.64
C HIS A 225 8.49 14.01 -20.81
N SER A 226 9.45 14.44 -21.59
CA SER A 226 9.62 15.84 -21.95
C SER A 226 8.31 16.42 -22.38
N ALA A 227 7.56 15.62 -23.13
CA ALA A 227 6.52 16.10 -24.01
C ALA A 227 5.47 17.01 -23.39
N ILE A 228 5.15 18.03 -24.18
CA ILE A 228 4.12 19.04 -23.95
C ILE A 228 3.29 19.26 -25.21
N GLY A 229 2.55 20.35 -25.21
CA GLY A 229 1.53 20.61 -26.21
C GLY A 229 0.21 20.49 -25.50
N LEU A 230 0.27 19.99 -24.28
CA LEU A 230 -0.92 19.87 -23.44
C LEU A 230 -0.90 20.93 -22.35
N GLU A 231 -1.27 22.16 -22.70
CA GLU A 231 -1.03 23.32 -21.84
C GLU A 231 -2.24 23.56 -20.93
N ASP A 232 -3.27 22.80 -21.19
CA ASP A 232 -4.44 22.77 -20.34
C ASP A 232 -4.13 22.02 -19.09
N ASN A 233 -3.78 20.76 -19.28
CA ASN A 233 -3.50 19.86 -18.19
C ASN A 233 -2.46 20.34 -17.18
N ALA A 234 -2.85 20.55 -15.93
CA ALA A 234 -1.86 20.82 -14.90
C ALA A 234 -1.22 19.46 -14.64
N SER A 235 -2.05 18.43 -14.76
CA SER A 235 -1.63 17.05 -14.55
C SER A 235 -0.48 16.65 -15.46
N ALA A 236 -0.69 16.82 -16.77
CA ALA A 236 0.32 16.45 -17.78
C ALA A 236 1.69 17.11 -17.61
N THR A 237 1.69 18.39 -17.24
CA THR A 237 2.92 19.15 -17.14
C THR A 237 3.59 18.91 -15.81
N ALA A 238 2.79 18.86 -14.75
CA ALA A 238 3.30 18.60 -13.40
C ALA A 238 3.96 17.22 -13.31
N PHE A 239 3.85 16.42 -14.38
CA PHE A 239 4.38 15.04 -14.38
C PHE A 239 5.40 14.79 -15.53
N MET A 240 5.03 15.19 -16.73
CA MET A 240 5.93 15.19 -17.89
C MET A 240 6.88 16.41 -17.99
N GLY A 241 6.29 17.61 -18.11
CA GLY A 241 7.08 18.84 -18.12
C GLY A 241 7.17 19.54 -19.46
N SER A 242 7.91 20.64 -19.51
CA SER A 242 7.86 21.52 -20.66
C SER A 242 9.03 21.49 -21.66
N ARG A 243 10.02 20.63 -21.45
CA ARG A 243 11.21 20.57 -22.31
C ARG A 243 10.98 19.71 -23.58
N SER A 244 11.96 19.66 -24.47
CA SER A 244 11.88 18.73 -25.60
C SER A 244 12.74 17.48 -25.41
N TRP A 245 12.30 16.38 -25.99
CA TRP A 245 13.04 15.12 -25.79
C TRP A 245 14.41 15.18 -26.41
N GLN A 246 14.53 15.93 -27.49
CA GLN A 246 15.82 16.08 -28.08
C GLN A 246 16.83 16.76 -27.15
N THR A 247 16.38 17.79 -26.44
CA THR A 247 17.27 18.49 -25.54
C THR A 247 17.74 17.53 -24.44
N ARG A 248 16.82 16.71 -23.96
CA ARG A 248 17.16 15.61 -23.04
C ARG A 248 18.16 14.61 -23.59
N ALA A 249 17.93 14.18 -24.82
CA ALA A 249 18.80 13.21 -25.43
C ALA A 249 20.21 13.79 -25.63
N LEU A 250 20.29 15.11 -25.83
CA LEU A 250 21.58 15.73 -26.00
C LEU A 250 22.44 15.72 -24.72
N LEU A 251 21.82 15.49 -23.55
CA LEU A 251 22.63 15.30 -22.35
C LEU A 251 23.43 13.99 -22.50
N ILE A 252 22.86 13.00 -23.19
CA ILE A 252 23.62 11.76 -23.44
C ILE A 252 24.88 12.13 -24.25
N LYS A 253 24.74 12.90 -25.32
CA LYS A 253 25.92 13.23 -26.09
C LYS A 253 26.91 14.08 -25.27
N ALA A 254 26.38 15.00 -24.46
CA ALA A 254 27.20 15.89 -23.65
C ALA A 254 28.09 15.05 -22.68
N LEU A 255 27.50 14.09 -21.97
CA LEU A 255 28.30 13.24 -21.07
C LEU A 255 29.33 12.36 -21.81
N ILE A 256 28.92 11.83 -22.95
CA ILE A 256 29.87 11.11 -23.81
C ILE A 256 31.06 12.04 -24.13
N ASP A 257 30.77 13.27 -24.55
CA ASP A 257 31.84 14.18 -25.01
C ASP A 257 32.79 14.55 -23.85
N GLN A 258 32.27 14.43 -22.62
CA GLN A 258 33.08 14.71 -21.45
C GLN A 258 33.88 13.52 -21.04
N GLY A 259 33.64 12.37 -21.67
CA GLY A 259 34.46 11.22 -21.39
C GLY A 259 33.79 10.19 -20.49
N TYR A 260 32.50 10.40 -20.25
CA TYR A 260 31.69 9.62 -19.32
C TYR A 260 30.79 8.49 -19.83
N MET A 261 31.00 8.07 -21.08
N MET A 261 30.98 8.09 -21.08
CA MET A 261 30.12 7.10 -21.74
CA MET A 261 30.08 7.11 -21.72
C MET A 261 29.85 5.88 -20.89
C MET A 261 29.81 5.93 -20.82
N LYS A 262 30.83 5.46 -20.09
CA LYS A 262 30.70 4.27 -19.24
C LYS A 262 29.75 4.50 -18.06
N GLN A 263 29.40 5.77 -17.81
CA GLN A 263 28.58 6.13 -16.66
C GLN A 263 27.11 6.34 -17.00
N ILE A 264 26.74 6.17 -18.27
CA ILE A 264 25.42 6.55 -18.71
C ILE A 264 24.47 5.34 -18.81
N LEU A 265 23.25 5.45 -18.25
CA LEU A 265 22.17 4.50 -18.49
C LEU A 265 20.99 5.29 -19.08
N VAL A 266 20.40 4.74 -20.11
CA VAL A 266 19.31 5.39 -20.81
C VAL A 266 18.03 4.58 -20.73
N SER A 267 16.89 5.23 -20.48
N SER A 267 16.88 5.24 -20.54
CA SER A 267 15.61 4.51 -20.39
CA SER A 267 15.62 4.46 -20.50
C SER A 267 14.42 5.40 -20.71
C SER A 267 14.44 5.38 -20.77
N ASN A 268 13.23 4.81 -20.74
CA ASN A 268 12.02 5.61 -20.99
C ASN A 268 11.17 5.97 -19.77
N ASP A 269 11.36 5.25 -18.69
N ASP A 269 11.37 5.21 -18.70
CA ASP A 269 10.40 5.37 -17.58
CA ASP A 269 10.45 5.25 -17.52
C ASP A 269 8.96 5.25 -18.12
C ASP A 269 8.98 5.15 -17.98
N TRP A 270 8.69 4.16 -18.82
CA TRP A 270 7.34 3.94 -19.38
C TRP A 270 6.59 2.92 -18.53
N LEU A 271 5.31 2.73 -18.87
CA LEU A 271 4.50 1.71 -18.22
C LEU A 271 3.28 1.45 -19.08
N PHE A 272 2.63 0.34 -18.82
CA PHE A 272 1.43 -0.08 -19.62
C PHE A 272 0.11 0.08 -18.88
N GLY A 273 0.20 0.44 -17.62
CA GLY A 273 -0.97 0.88 -16.83
C GLY A 273 -0.49 1.80 -15.71
N ILE A 274 -1.35 2.74 -15.29
CA ILE A 274 -0.95 3.56 -14.13
C ILE A 274 -2.22 3.94 -13.38
N SER A 275 -2.24 3.57 -12.10
CA SER A 275 -3.33 3.97 -11.25
C SER A 275 -3.00 5.00 -10.15
N SER A 276 -1.71 5.33 -10.01
CA SER A 276 -1.28 6.13 -8.84
C SER A 276 -1.36 7.64 -9.11
N TYR A 277 -1.88 8.01 -10.27
CA TYR A 277 -2.10 9.40 -10.62
C TYR A 277 -3.56 9.54 -11.14
N VAL A 278 -3.86 10.62 -11.87
CA VAL A 278 -5.21 10.82 -12.40
C VAL A 278 -5.72 9.68 -13.28
N THR A 279 -7.05 9.50 -13.23
CA THR A 279 -7.65 8.45 -14.05
C THR A 279 -7.36 8.84 -15.50
N ASN A 280 -7.10 7.81 -16.30
N ASN A 280 -7.15 7.92 -16.42
CA ASN A 280 -6.81 7.96 -17.74
CA ASN A 280 -6.95 8.44 -17.78
C ASN A 280 -5.55 8.81 -18.03
C ASN A 280 -5.51 8.83 -18.07
N PHE A 281 -4.67 8.93 -17.04
CA PHE A 281 -3.28 9.45 -17.30
C PHE A 281 -2.55 8.53 -18.29
N MET A 282 -2.85 7.23 -18.26
CA MET A 282 -2.22 6.34 -19.25
C MET A 282 -2.50 6.83 -20.70
N ASP A 283 -3.72 7.30 -20.93
CA ASP A 283 -4.09 7.73 -22.28
C ASP A 283 -3.33 9.02 -22.66
N VAL A 284 -3.13 9.91 -21.68
CA VAL A 284 -2.32 11.10 -21.92
C VAL A 284 -0.88 10.72 -22.31
N MET A 285 -0.24 9.86 -21.49
CA MET A 285 1.10 9.35 -21.79
C MET A 285 1.13 8.70 -23.17
N ASP A 286 0.17 7.83 -23.46
CA ASP A 286 0.24 7.12 -24.75
C ASP A 286 0.08 8.08 -25.92
N SER A 287 -0.71 9.15 -25.75
N SER A 287 -0.69 9.16 -25.73
CA SER A 287 -0.84 10.12 -26.85
CA SER A 287 -0.83 10.14 -26.80
C SER A 287 0.45 10.90 -27.12
C SER A 287 0.45 10.88 -27.11
N VAL A 288 1.24 11.16 -26.09
CA VAL A 288 2.47 11.93 -26.32
C VAL A 288 3.59 11.03 -26.83
N ASN A 289 3.60 9.77 -26.39
CA ASN A 289 4.64 8.83 -26.82
C ASN A 289 4.04 7.50 -27.25
N PRO A 290 3.51 7.43 -28.45
CA PRO A 290 2.91 6.19 -28.92
C PRO A 290 3.95 5.08 -29.13
N ASP A 291 5.25 5.43 -29.18
CA ASP A 291 6.29 4.38 -29.27
C ASP A 291 6.48 3.59 -27.95
N GLY A 292 5.92 4.05 -26.85
CA GLY A 292 6.07 3.31 -25.60
C GLY A 292 7.54 3.08 -25.22
N MET A 293 7.84 1.86 -24.82
CA MET A 293 9.20 1.50 -24.45
C MET A 293 10.10 1.39 -25.67
N ALA A 294 9.55 1.42 -26.87
CA ALA A 294 10.43 1.41 -28.04
C ALA A 294 10.91 2.79 -28.37
N PHE A 295 10.50 3.78 -27.57
CA PHE A 295 10.96 5.14 -27.89
C PHE A 295 12.50 5.21 -27.90
N ILE A 296 13.18 4.72 -26.85
CA ILE A 296 14.66 4.76 -26.88
C ILE A 296 15.27 4.16 -28.15
N PRO A 297 14.98 2.90 -28.50
CA PRO A 297 15.66 2.35 -29.68
C PRO A 297 15.21 2.97 -31.02
N LEU A 298 13.92 3.36 -31.11
CA LEU A 298 13.40 3.90 -32.38
C LEU A 298 13.70 5.37 -32.59
N ARG A 299 13.85 6.13 -31.52
CA ARG A 299 13.99 7.59 -31.66
C ARG A 299 15.34 8.09 -31.20
N VAL A 300 15.64 7.83 -29.93
CA VAL A 300 16.86 8.34 -29.30
C VAL A 300 18.12 7.76 -29.93
N ILE A 301 18.17 6.45 -30.10
CA ILE A 301 19.38 5.86 -30.70
C ILE A 301 19.67 6.44 -32.12
N PRO A 302 18.66 6.48 -33.02
CA PRO A 302 18.97 7.07 -34.33
C PRO A 302 19.33 8.56 -34.28
N PHE A 303 18.74 9.27 -33.33
CA PHE A 303 19.04 10.70 -33.13
C PHE A 303 20.50 10.90 -32.75
N LEU A 304 21.00 10.04 -31.89
CA LEU A 304 22.39 10.14 -31.41
C LEU A 304 23.31 9.73 -32.56
N ARG A 305 22.90 8.70 -33.30
CA ARG A 305 23.69 8.27 -34.47
C ARG A 305 23.80 9.44 -35.44
N GLU A 306 22.71 10.16 -35.64
CA GLU A 306 22.77 11.23 -36.63
C GLU A 306 23.63 12.40 -36.12
N LYS A 307 23.80 12.47 -34.79
CA LYS A 307 24.65 13.51 -34.17
C LYS A 307 26.09 13.06 -34.16
N GLY A 308 26.34 11.90 -34.77
CA GLY A 308 27.68 11.42 -34.96
C GLY A 308 28.18 10.51 -33.86
N ILE A 309 27.30 10.04 -32.95
CA ILE A 309 27.78 9.08 -31.98
C ILE A 309 27.94 7.70 -32.64
N PRO A 310 29.11 7.08 -32.47
CA PRO A 310 29.28 5.81 -33.17
C PRO A 310 28.53 4.64 -32.59
N GLN A 311 28.33 3.64 -33.44
CA GLN A 311 27.74 2.37 -33.01
C GLN A 311 28.33 1.77 -31.74
N GLU A 312 29.65 1.66 -31.68
CA GLU A 312 30.32 1.03 -30.55
C GLU A 312 29.98 1.78 -29.25
N THR A 313 29.84 3.09 -29.34
CA THR A 313 29.53 3.87 -28.14
C THR A 313 28.10 3.61 -27.69
N LEU A 314 27.22 3.52 -28.68
CA LEU A 314 25.82 3.31 -28.38
C LEU A 314 25.62 1.91 -27.83
N ALA A 315 26.39 0.93 -28.32
CA ALA A 315 26.28 -0.44 -27.77
C ALA A 315 26.87 -0.50 -26.35
N GLY A 316 27.91 0.28 -26.09
CA GLY A 316 28.50 0.34 -24.76
C GLY A 316 27.43 0.83 -23.78
N ILE A 317 26.68 1.86 -24.21
CA ILE A 317 25.67 2.42 -23.29
C ILE A 317 24.52 1.51 -23.05
N THR A 318 24.03 0.87 -24.09
CA THR A 318 22.77 0.09 -24.03
C THR A 318 22.99 -1.37 -23.62
N VAL A 319 24.22 -1.87 -23.75
CA VAL A 319 24.49 -3.34 -23.51
C VAL A 319 25.50 -3.47 -22.41
N THR A 320 26.68 -2.91 -22.62
CA THR A 320 27.74 -3.10 -21.63
C THR A 320 27.47 -2.43 -20.28
N ASN A 321 27.10 -1.15 -20.30
CA ASN A 321 26.86 -0.48 -19.02
C ASN A 321 25.76 -1.17 -18.15
N PRO A 322 24.61 -1.54 -18.76
CA PRO A 322 23.63 -2.19 -17.90
C PRO A 322 24.09 -3.55 -17.37
N ALA A 323 24.88 -4.31 -18.16
CA ALA A 323 25.33 -5.60 -17.66
C ALA A 323 26.30 -5.40 -16.49
N ARG A 324 27.20 -4.40 -16.59
CA ARG A 324 28.15 -4.11 -15.52
C ARG A 324 27.39 -3.63 -14.27
N PHE A 325 26.34 -2.85 -14.48
CA PHE A 325 25.56 -2.30 -13.38
C PHE A 325 24.80 -3.40 -12.65
N LEU A 326 24.10 -4.22 -13.43
N LEU A 326 24.11 -4.23 -13.43
CA LEU A 326 23.30 -5.30 -12.84
CA LEU A 326 23.23 -5.22 -12.84
C LEU A 326 24.16 -6.41 -12.23
C LEU A 326 23.92 -6.47 -12.26
N SER A 327 25.33 -6.67 -12.81
N SER A 327 25.08 -6.83 -12.83
CA SER A 327 26.16 -7.77 -12.33
CA SER A 327 25.76 -7.99 -12.32
C SER A 327 26.33 -7.66 -10.84
C SER A 327 26.17 -7.80 -10.86
N PRO A 328 25.94 -8.69 -10.07
N PRO A 328 25.73 -8.70 -9.98
CA PRO A 328 26.14 -8.54 -8.63
CA PRO A 328 26.03 -8.44 -8.55
C PRO A 328 27.62 -8.40 -8.37
C PRO A 328 27.52 -8.42 -8.30
N THR A 329 28.00 -7.32 -7.72
CA THR A 329 29.42 -7.08 -7.47
C THR A 329 29.50 -6.53 -6.07
N LEU A 330 30.13 -7.30 -5.21
CA LEU A 330 30.17 -6.94 -3.83
C LEU A 330 31.19 -5.83 -3.63
N ARG B 4 -30.28 -12.03 4.66
CA ARG B 4 -29.07 -12.79 4.95
C ARG B 4 -27.84 -11.91 4.95
N ILE B 5 -26.84 -12.28 5.72
CA ILE B 5 -25.62 -11.49 5.85
C ILE B 5 -24.44 -12.22 5.21
N ASN B 6 -23.62 -11.49 4.45
CA ASN B 6 -22.45 -12.15 3.84
C ASN B 6 -21.27 -12.31 4.82
N THR B 7 -20.70 -13.52 4.90
CA THR B 7 -19.54 -13.76 5.77
C THR B 7 -18.42 -14.32 4.87
N VAL B 8 -17.25 -14.54 5.42
CA VAL B 8 -16.16 -15.02 4.59
C VAL B 8 -16.37 -16.52 4.25
N ARG B 9 -17.32 -17.17 4.94
CA ARG B 9 -17.75 -18.55 4.53
C ARG B 9 -19.03 -18.62 3.66
N GLY B 10 -19.56 -17.45 3.27
CA GLY B 10 -20.80 -17.38 2.54
C GLY B 10 -21.93 -16.80 3.38
N PRO B 11 -23.13 -16.79 2.81
CA PRO B 11 -24.25 -16.13 3.47
C PRO B 11 -24.82 -16.90 4.68
N ILE B 12 -25.19 -16.18 5.74
CA ILE B 12 -25.79 -16.80 6.93
C ILE B 12 -27.08 -16.08 7.25
N THR B 13 -28.03 -16.80 7.86
CA THR B 13 -29.26 -16.19 8.29
C THR B 13 -29.06 -15.39 9.55
N ILE B 14 -29.98 -14.49 9.86
CA ILE B 14 -29.89 -13.72 11.08
C ILE B 14 -29.86 -14.54 12.31
N SER B 15 -30.66 -15.60 12.32
N SER B 15 -30.64 -15.61 12.32
CA SER B 15 -30.73 -16.50 13.46
CA SER B 15 -30.69 -16.46 13.50
C SER B 15 -29.35 -17.09 13.77
C SER B 15 -29.33 -17.08 13.79
N GLU B 16 -28.52 -17.22 12.74
CA GLU B 16 -27.19 -17.84 12.87
C GLU B 16 -26.11 -16.86 13.37
N VAL B 17 -26.41 -15.58 13.39
CA VAL B 17 -25.39 -14.59 13.73
C VAL B 17 -25.01 -14.65 15.20
N GLY B 18 -26.01 -14.77 16.11
CA GLY B 18 -25.66 -14.87 17.51
C GLY B 18 -24.89 -13.76 18.19
N PHE B 19 -24.21 -14.08 19.25
CA PHE B 19 -23.45 -13.12 19.99
C PHE B 19 -22.34 -12.52 19.07
N THR B 20 -22.37 -11.21 18.83
CA THR B 20 -21.52 -10.64 17.78
C THR B 20 -20.65 -9.53 18.34
N LEU B 21 -19.38 -9.52 17.97
CA LEU B 21 -18.45 -8.43 18.27
C LEU B 21 -18.39 -7.66 16.95
N THR B 22 -18.88 -6.43 17.01
N THR B 22 -18.99 -6.47 16.89
CA THR B 22 -19.15 -5.60 15.86
CA THR B 22 -19.08 -5.78 15.60
C THR B 22 -17.90 -4.95 15.27
C THR B 22 -17.90 -4.88 15.25
N HIS B 23 -16.85 -4.80 16.06
CA HIS B 23 -15.67 -4.04 15.60
C HIS B 23 -14.41 -4.77 16.07
N GLU B 24 -13.74 -5.54 15.17
CA GLU B 24 -12.58 -6.29 15.53
C GLU B 24 -11.71 -6.36 14.30
N HIS B 25 -10.55 -6.97 14.45
CA HIS B 25 -9.68 -7.18 13.29
C HIS B 25 -8.94 -8.47 13.52
N ILE B 26 -8.63 -9.18 12.43
CA ILE B 26 -7.71 -10.30 12.56
C ILE B 26 -6.26 -9.74 12.60
N CYS B 27 -5.93 -8.83 11.69
CA CYS B 27 -4.58 -8.31 11.58
C CYS B 27 -4.67 -6.82 11.18
N GLY B 28 -4.10 -5.89 11.95
CA GLY B 28 -4.00 -4.49 11.53
C GLY B 28 -2.77 -4.33 10.66
N SER B 29 -2.88 -3.96 9.41
CA SER B 29 -1.71 -4.07 8.50
C SER B 29 -1.87 -3.05 7.35
N SER B 30 -1.12 -3.26 6.29
CA SER B 30 -1.30 -2.47 5.09
C SER B 30 -1.55 -3.33 3.88
N ALA B 31 -2.14 -2.76 2.81
CA ALA B 31 -2.42 -3.61 1.62
C ALA B 31 -1.13 -4.30 1.14
N GLY B 32 -1.25 -5.58 0.88
CA GLY B 32 -0.15 -6.41 0.38
C GLY B 32 0.93 -6.80 1.36
N PHE B 33 0.89 -6.21 2.58
CA PHE B 33 2.03 -6.37 3.48
C PHE B 33 2.17 -7.78 4.03
N LEU B 34 1.10 -8.40 4.51
CA LEU B 34 1.22 -9.79 4.94
C LEU B 34 1.73 -10.75 3.89
N ARG B 35 1.35 -10.54 2.62
CA ARG B 35 1.86 -11.38 1.55
C ARG B 35 3.38 -11.11 1.27
N ALA B 36 3.74 -9.84 1.39
CA ALA B 36 5.15 -9.43 1.09
C ALA B 36 6.16 -9.73 2.20
N TRP B 37 5.73 -9.62 3.42
CA TRP B 37 6.67 -9.76 4.55
C TRP B 37 5.96 -10.50 5.71
N PRO B 38 5.59 -11.76 5.47
CA PRO B 38 4.87 -12.50 6.53
C PRO B 38 5.74 -12.71 7.75
N GLU B 39 7.07 -12.77 7.57
CA GLU B 39 7.96 -12.96 8.71
C GLU B 39 7.95 -11.78 9.70
N PHE B 40 7.37 -10.66 9.31
CA PHE B 40 7.18 -9.57 10.29
C PHE B 40 6.30 -10.04 11.48
N PHE B 41 5.38 -10.97 11.19
CA PHE B 41 4.46 -11.60 12.14
C PHE B 41 4.98 -12.92 12.71
N GLY B 42 6.22 -13.20 12.40
CA GLY B 42 7.03 -14.39 12.67
C GLY B 42 6.80 -15.44 11.58
N SER B 43 5.56 -15.58 11.10
CA SER B 43 5.22 -16.25 9.84
C SER B 43 3.72 -16.16 9.68
N ARG B 44 3.23 -16.34 8.43
CA ARG B 44 1.77 -16.42 8.22
C ARG B 44 1.18 -17.55 9.06
N GLU B 45 1.91 -18.66 9.17
CA GLU B 45 1.37 -19.81 9.88
C GLU B 45 1.24 -19.49 11.37
N ALA B 46 2.18 -18.75 11.91
CA ALA B 46 2.11 -18.40 13.34
C ALA B 46 0.96 -17.43 13.55
N LEU B 47 0.75 -16.52 12.60
CA LEU B 47 -0.33 -15.52 12.79
C LEU B 47 -1.71 -16.25 12.73
N VAL B 48 -1.84 -17.19 11.79
CA VAL B 48 -3.07 -18.02 11.69
C VAL B 48 -3.28 -18.75 13.02
N GLU B 49 -2.24 -19.44 13.51
CA GLU B 49 -2.38 -20.18 14.78
C GLU B 49 -2.83 -19.28 15.95
N LYS B 50 -2.23 -18.09 16.06
N LYS B 50 -2.24 -18.08 16.07
CA LYS B 50 -2.58 -17.13 17.11
CA LYS B 50 -2.60 -17.16 17.15
C LYS B 50 -4.05 -16.69 16.98
C LYS B 50 -4.06 -16.68 16.99
N ALA B 51 -4.45 -16.36 15.76
CA ALA B 51 -5.83 -15.92 15.48
C ALA B 51 -6.84 -17.02 15.78
N VAL B 52 -6.53 -18.24 15.34
CA VAL B 52 -7.42 -19.35 15.63
C VAL B 52 -7.50 -19.65 17.13
N ARG B 53 -6.39 -19.59 17.86
CA ARG B 53 -6.50 -19.88 19.30
CA ARG B 53 -6.42 -19.84 19.31
C ARG B 53 -7.28 -18.79 19.97
N GLY B 54 -7.06 -17.55 19.53
CA GLY B 54 -7.79 -16.49 20.17
C GLY B 54 -9.27 -16.50 19.89
N LEU B 55 -9.66 -16.72 18.65
CA LEU B 55 -11.06 -16.73 18.30
C LEU B 55 -11.75 -17.94 18.94
N ARG B 56 -11.02 -19.03 19.09
CA ARG B 56 -11.66 -20.21 19.74
C ARG B 56 -11.94 -19.90 21.20
N ARG B 57 -11.08 -19.13 21.87
CA ARG B 57 -11.35 -18.74 23.26
C ARG B 57 -12.53 -17.79 23.34
N ALA B 58 -12.58 -16.85 22.41
CA ALA B 58 -13.78 -16.03 22.31
C ALA B 58 -15.03 -16.88 22.05
N ARG B 59 -14.89 -17.91 21.23
CA ARG B 59 -16.06 -18.73 20.93
C ARG B 59 -16.50 -19.47 22.18
N ALA B 60 -15.52 -19.91 22.98
CA ALA B 60 -15.87 -20.69 24.20
C ALA B 60 -16.60 -19.78 25.16
N ALA B 61 -16.27 -18.48 25.08
CA ALA B 61 -16.91 -17.48 25.97
C ALA B 61 -18.26 -16.98 25.43
N GLY B 62 -18.66 -17.53 24.31
CA GLY B 62 -19.94 -17.33 23.70
C GLY B 62 -20.03 -16.51 22.42
N VAL B 63 -18.90 -16.03 21.92
CA VAL B 63 -18.90 -15.25 20.66
C VAL B 63 -19.22 -16.08 19.42
N ARG B 64 -20.24 -15.73 18.66
CA ARG B 64 -20.50 -16.51 17.47
C ARG B 64 -20.07 -15.86 16.14
N THR B 65 -19.89 -14.53 16.18
CA THR B 65 -19.64 -13.76 14.95
C THR B 65 -18.74 -12.61 15.31
N ILE B 66 -17.75 -12.32 14.46
CA ILE B 66 -17.10 -11.01 14.58
C ILE B 66 -17.20 -10.31 13.26
N VAL B 67 -17.13 -8.97 13.33
CA VAL B 67 -17.07 -8.18 12.10
C VAL B 67 -15.65 -7.63 12.01
N ASP B 68 -14.92 -8.05 10.98
CA ASP B 68 -13.55 -7.56 10.81
C ASP B 68 -13.66 -6.34 9.96
N VAL B 69 -13.41 -5.18 10.59
CA VAL B 69 -13.61 -3.89 9.96
C VAL B 69 -12.37 -3.43 9.22
N SER B 70 -11.42 -4.33 9.03
CA SER B 70 -10.24 -3.92 8.23
C SER B 70 -10.57 -3.72 6.74
N THR B 71 -10.21 -2.56 6.21
CA THR B 71 -10.41 -2.27 4.79
C THR B 71 -9.18 -2.71 3.99
N PHE B 72 -9.27 -2.50 2.70
CA PHE B 72 -8.09 -2.69 1.81
C PHE B 72 -6.83 -2.04 2.38
N ASP B 73 -6.93 -0.78 2.80
CA ASP B 73 -5.76 -0.06 3.23
C ASP B 73 -5.28 -0.37 4.67
N LEU B 74 -6.09 -1.10 5.41
CA LEU B 74 -5.70 -1.70 6.69
C LEU B 74 -5.13 -3.10 6.45
N GLY B 75 -4.92 -3.48 5.19
CA GLY B 75 -4.23 -4.74 4.95
C GLY B 75 -5.13 -5.97 5.06
N ARG B 76 -6.46 -5.74 4.97
CA ARG B 76 -7.38 -6.87 5.00
C ARG B 76 -6.92 -7.94 4.03
N ASP B 77 -6.82 -9.16 4.55
CA ASP B 77 -6.45 -10.29 3.66
C ASP B 77 -7.61 -11.25 3.86
N VAL B 78 -8.48 -11.34 2.86
CA VAL B 78 -9.75 -12.04 3.04
C VAL B 78 -9.49 -13.56 3.05
N ARG B 79 -8.40 -13.99 2.43
CA ARG B 79 -8.08 -15.43 2.56
C ARG B 79 -7.62 -15.80 3.96
N LEU B 80 -6.90 -14.89 4.63
CA LEU B 80 -6.55 -15.09 6.02
C LEU B 80 -7.89 -15.18 6.85
N LEU B 81 -8.80 -14.22 6.64
CA LEU B 81 -10.05 -14.21 7.36
C LEU B 81 -10.78 -15.54 7.17
N ALA B 82 -10.85 -15.97 5.92
CA ALA B 82 -11.54 -17.26 5.63
C ALA B 82 -10.90 -18.48 6.33
N GLU B 83 -9.59 -18.57 6.31
CA GLU B 83 -8.87 -19.70 6.94
C GLU B 83 -9.17 -19.73 8.44
N VAL B 84 -9.01 -18.56 9.11
CA VAL B 84 -9.21 -18.41 10.56
C VAL B 84 -10.67 -18.62 10.94
N SER B 85 -11.61 -18.11 10.13
CA SER B 85 -13.05 -18.27 10.40
C SER B 85 -13.40 -19.79 10.44
N ARG B 86 -12.94 -20.51 9.43
CA ARG B 86 -13.25 -21.96 9.26
C ARG B 86 -12.59 -22.78 10.35
N ALA B 87 -11.33 -22.48 10.67
CA ALA B 87 -10.62 -23.21 11.72
C ALA B 87 -11.12 -22.95 13.16
N ALA B 88 -11.46 -21.72 13.47
CA ALA B 88 -12.05 -21.37 14.75
C ALA B 88 -13.52 -21.67 14.83
N ASP B 89 -14.15 -21.81 13.67
CA ASP B 89 -15.58 -21.97 13.49
C ASP B 89 -16.41 -20.89 14.08
N VAL B 90 -16.02 -19.68 13.65
CA VAL B 90 -16.71 -18.44 14.07
C VAL B 90 -16.97 -17.66 12.82
N HIS B 91 -18.15 -17.02 12.69
CA HIS B 91 -18.49 -16.30 11.47
C HIS B 91 -17.64 -15.05 11.48
N ILE B 92 -17.10 -14.66 10.31
CA ILE B 92 -16.47 -13.32 10.23
C ILE B 92 -17.10 -12.59 9.10
N VAL B 93 -17.50 -11.32 9.35
CA VAL B 93 -17.97 -10.44 8.27
C VAL B 93 -16.84 -9.55 7.81
N ALA B 94 -16.56 -9.53 6.52
CA ALA B 94 -15.50 -8.69 6.03
C ALA B 94 -16.03 -7.31 5.63
N ALA B 95 -15.08 -6.45 5.33
CA ALA B 95 -15.42 -5.03 5.15
C ALA B 95 -14.85 -4.55 3.83
N THR B 96 -15.54 -3.61 3.23
CA THR B 96 -14.99 -2.68 2.26
C THR B 96 -14.81 -1.27 2.87
N GLY B 97 -14.49 -0.23 2.06
CA GLY B 97 -14.38 1.16 2.55
C GLY B 97 -12.88 1.58 2.53
N VAL B 98 -12.62 2.70 3.18
CA VAL B 98 -11.28 3.32 3.20
C VAL B 98 -11.02 3.84 4.57
N TRP B 99 -9.90 3.42 5.14
CA TRP B 99 -9.37 3.81 6.47
C TRP B 99 -8.42 5.01 6.25
N LEU B 100 -7.54 5.27 7.20
CA LEU B 100 -6.75 6.51 7.19
C LEU B 100 -5.38 6.37 6.45
N ASP B 101 -5.10 5.23 5.80
CA ASP B 101 -3.84 5.16 5.08
C ASP B 101 -4.05 4.72 3.61
N PRO B 102 -4.89 5.46 2.86
N PRO B 102 -4.91 5.42 2.87
CA PRO B 102 -5.12 5.10 1.45
CA PRO B 102 -5.09 5.06 1.47
C PRO B 102 -3.91 5.39 0.56
C PRO B 102 -3.79 5.33 0.69
N PRO B 103 -3.45 4.37 -0.15
CA PRO B 103 -2.36 4.68 -1.08
C PRO B 103 -2.80 5.59 -2.20
N LEU B 104 -1.86 6.01 -3.03
CA LEU B 104 -2.25 6.90 -4.13
C LEU B 104 -3.36 6.36 -5.02
N SER B 105 -3.35 5.04 -5.30
CA SER B 105 -4.33 4.51 -6.27
C SER B 105 -5.75 4.64 -5.70
N ILE B 106 -5.86 4.68 -4.37
CA ILE B 106 -7.15 4.99 -3.72
C ILE B 106 -7.42 6.50 -3.56
N ARG B 107 -6.41 7.23 -3.08
CA ARG B 107 -6.64 8.64 -2.76
C ARG B 107 -6.73 9.59 -3.95
N MET B 108 -6.40 9.11 -5.14
CA MET B 108 -6.59 9.88 -6.35
C MET B 108 -7.96 9.66 -6.99
N ARG B 109 -8.80 8.81 -6.38
CA ARG B 109 -10.08 8.42 -6.98
C ARG B 109 -11.26 9.35 -6.63
N SER B 110 -12.15 9.47 -7.58
CA SER B 110 -13.29 10.36 -7.38
C SER B 110 -14.36 9.65 -6.54
N VAL B 111 -15.41 10.39 -6.22
CA VAL B 111 -16.49 9.78 -5.44
C VAL B 111 -17.21 8.68 -6.22
N GLU B 112 -17.37 8.90 -7.53
CA GLU B 112 -17.98 7.91 -8.37
C GLU B 112 -17.12 6.62 -8.46
N GLU B 113 -15.80 6.82 -8.64
CA GLU B 113 -14.89 5.64 -8.61
C GLU B 113 -14.91 4.87 -7.29
N LEU B 114 -14.78 5.58 -6.17
CA LEU B 114 -14.86 4.93 -4.86
C LEU B 114 -16.18 4.16 -4.67
N THR B 115 -17.29 4.78 -5.12
CA THR B 115 -18.58 4.08 -5.01
C THR B 115 -18.52 2.74 -5.75
N GLN B 116 -17.96 2.76 -6.95
CA GLN B 116 -17.85 1.51 -7.75
C GLN B 116 -16.94 0.49 -7.06
N PHE B 117 -15.83 0.95 -6.48
CA PHE B 117 -14.93 0.01 -5.79
C PHE B 117 -15.70 -0.66 -4.62
N PHE B 118 -16.37 0.15 -3.77
CA PHE B 118 -17.11 -0.46 -2.65
C PHE B 118 -18.16 -1.40 -3.20
N LEU B 119 -18.85 -1.00 -4.28
CA LEU B 119 -19.88 -1.92 -4.85
C LEU B 119 -19.30 -3.25 -5.39
N ARG B 120 -18.07 -3.15 -5.95
CA ARG B 120 -17.43 -4.37 -6.45
C ARG B 120 -17.28 -5.32 -5.24
N GLU B 121 -16.76 -4.80 -4.13
CA GLU B 121 -16.44 -5.58 -2.95
C GLU B 121 -17.66 -6.19 -2.28
N ILE B 122 -18.75 -5.42 -2.28
CA ILE B 122 -20.04 -5.91 -1.72
C ILE B 122 -20.81 -6.86 -2.69
N GLN B 123 -20.89 -6.46 -3.96
CA GLN B 123 -21.71 -7.16 -4.96
C GLN B 123 -21.14 -8.35 -5.70
N TYR B 124 -19.83 -8.31 -5.89
CA TYR B 124 -19.13 -9.26 -6.74
C TYR B 124 -18.26 -10.09 -5.82
N GLY B 125 -17.37 -9.41 -5.12
CA GLY B 125 -16.47 -10.05 -4.16
C GLY B 125 -15.14 -9.32 -4.01
N ILE B 126 -14.34 -9.75 -3.05
CA ILE B 126 -13.07 -9.11 -2.74
C ILE B 126 -12.00 -9.82 -3.53
N GLU B 127 -11.23 -9.04 -4.26
CA GLU B 127 -10.17 -9.62 -5.13
C GLU B 127 -10.80 -10.69 -6.06
N ASP B 128 -10.16 -11.86 -6.18
CA ASP B 128 -10.63 -12.97 -6.99
C ASP B 128 -11.41 -14.04 -6.20
N THR B 129 -11.72 -13.75 -4.94
CA THR B 129 -12.24 -14.75 -4.02
C THR B 129 -13.71 -15.03 -4.04
N GLY B 130 -14.52 -14.10 -4.57
CA GLY B 130 -15.97 -14.28 -4.47
C GLY B 130 -16.52 -14.01 -3.07
N ILE B 131 -15.64 -13.72 -2.12
CA ILE B 131 -16.07 -13.36 -0.79
C ILE B 131 -16.52 -11.87 -0.77
N ARG B 132 -17.77 -11.66 -0.37
CA ARG B 132 -18.37 -10.34 -0.41
C ARG B 132 -18.35 -9.65 0.94
N ALA B 133 -18.10 -8.34 0.87
CA ALA B 133 -18.15 -7.49 2.05
C ALA B 133 -19.52 -7.34 2.66
N GLY B 134 -19.60 -7.38 3.99
CA GLY B 134 -20.87 -7.19 4.70
C GLY B 134 -21.05 -5.84 5.37
N ILE B 135 -20.01 -5.03 5.40
CA ILE B 135 -20.07 -3.69 6.01
C ILE B 135 -19.10 -2.79 5.26
N ILE B 136 -19.32 -1.49 5.35
CA ILE B 136 -18.42 -0.50 4.75
C ILE B 136 -17.77 0.29 5.90
N LYS B 137 -16.46 0.34 5.96
CA LYS B 137 -15.71 1.03 7.04
C LYS B 137 -15.11 2.31 6.51
N VAL B 138 -15.36 3.43 7.20
CA VAL B 138 -14.75 4.72 6.76
C VAL B 138 -14.14 5.37 7.97
N ALA B 139 -13.31 6.38 7.76
CA ALA B 139 -12.65 7.02 8.87
C ALA B 139 -12.33 8.44 8.49
N ILE B 140 -12.32 9.30 9.50
CA ILE B 140 -11.91 10.68 9.31
C ILE B 140 -10.85 11.06 10.35
N THR B 141 -10.15 12.15 10.07
CA THR B 141 -9.31 12.81 11.06
C THR B 141 -9.93 14.19 11.33
N GLY B 142 -10.04 14.56 12.59
CA GLY B 142 -10.24 15.96 12.92
C GLY B 142 -11.44 16.51 12.21
N LYS B 143 -11.18 17.50 11.38
CA LYS B 143 -12.22 17.93 10.50
C LYS B 143 -12.09 17.05 9.29
N VAL B 144 -13.20 16.61 8.78
CA VAL B 144 -13.23 15.78 7.59
C VAL B 144 -12.40 16.46 6.47
N THR B 145 -11.47 15.73 5.88
CA THR B 145 -10.71 16.28 4.73
C THR B 145 -11.55 16.15 3.48
N PRO B 146 -11.18 16.87 2.43
CA PRO B 146 -11.95 16.74 1.18
C PRO B 146 -11.96 15.27 0.74
N PHE B 147 -10.83 14.56 0.83
CA PHE B 147 -10.82 13.18 0.34
C PHE B 147 -11.73 12.31 1.23
N GLN B 148 -11.63 12.52 2.55
CA GLN B 148 -12.52 11.74 3.47
C GLN B 148 -14.01 12.01 3.17
N GLU B 149 -14.36 13.25 2.81
CA GLU B 149 -15.76 13.51 2.46
C GLU B 149 -16.20 12.68 1.23
N LEU B 150 -15.31 12.53 0.23
CA LEU B 150 -15.59 11.69 -0.92
C LEU B 150 -15.86 10.26 -0.42
N VAL B 151 -15.01 9.78 0.48
CA VAL B 151 -15.12 8.40 0.98
C VAL B 151 -16.51 8.26 1.70
N LEU B 152 -16.87 9.26 2.50
CA LEU B 152 -18.14 9.16 3.23
C LEU B 152 -19.31 9.16 2.27
N ARG B 153 -19.26 10.01 1.23
CA ARG B 153 -20.37 10.07 0.25
C ARG B 153 -20.46 8.75 -0.53
N ALA B 154 -19.32 8.21 -0.95
CA ALA B 154 -19.32 6.95 -1.64
C ALA B 154 -19.86 5.85 -0.73
N ALA B 155 -19.50 5.90 0.55
CA ALA B 155 -20.00 4.86 1.46
C ALA B 155 -21.54 4.94 1.53
N ALA B 156 -22.03 6.17 1.63
CA ALA B 156 -23.48 6.36 1.75
C ALA B 156 -24.13 5.82 0.47
N ARG B 157 -23.52 6.07 -0.68
CA ARG B 157 -24.18 5.70 -1.92
C ARG B 157 -24.16 4.16 -2.09
N ALA B 158 -23.06 3.52 -1.65
CA ALA B 158 -22.94 2.08 -1.77
C ALA B 158 -23.92 1.43 -0.79
N SER B 159 -24.10 2.04 0.39
CA SER B 159 -25.04 1.50 1.36
C SER B 159 -26.46 1.66 0.78
N LEU B 160 -26.77 2.81 0.16
CA LEU B 160 -28.17 3.00 -0.39
C LEU B 160 -28.47 2.03 -1.51
N ALA B 161 -27.45 1.66 -2.25
CA ALA B 161 -27.61 0.68 -3.28
C ALA B 161 -27.75 -0.78 -2.77
N THR B 162 -26.94 -1.17 -1.79
CA THR B 162 -26.92 -2.57 -1.33
C THR B 162 -27.59 -2.93 -0.01
N GLY B 163 -27.99 -1.93 0.76
CA GLY B 163 -28.52 -2.13 2.11
C GLY B 163 -27.48 -2.41 3.19
N VAL B 164 -26.21 -2.55 2.80
CA VAL B 164 -25.18 -2.92 3.76
C VAL B 164 -24.85 -1.66 4.61
N PRO B 165 -24.59 -1.85 5.90
CA PRO B 165 -24.34 -0.74 6.87
C PRO B 165 -22.91 -0.12 6.75
N VAL B 166 -22.79 1.06 7.35
CA VAL B 166 -21.54 1.81 7.45
C VAL B 166 -21.05 1.89 8.90
N ILE B 167 -19.76 1.64 9.10
CA ILE B 167 -19.13 1.87 10.40
C ILE B 167 -18.04 2.95 10.21
N THR B 168 -17.95 3.87 11.16
N THR B 168 -17.96 3.94 11.09
CA THR B 168 -16.97 4.93 11.07
CA THR B 168 -16.94 4.98 10.92
C THR B 168 -16.07 4.98 12.28
C THR B 168 -16.30 5.35 12.25
N HIS B 169 -15.06 5.85 12.23
CA HIS B 169 -14.57 6.50 13.45
CA HIS B 169 -14.61 6.56 13.43
C HIS B 169 -13.88 7.81 13.11
N THR B 170 -13.63 8.67 14.11
CA THR B 170 -12.72 9.81 13.93
C THR B 170 -11.39 9.53 14.63
N ALA B 171 -10.26 9.82 13.96
CA ALA B 171 -8.95 9.57 14.58
C ALA B 171 -8.82 10.26 15.95
N GLY B 172 -8.15 9.59 16.88
CA GLY B 172 -8.07 10.06 18.26
C GLY B 172 -9.42 10.10 18.98
N SER B 173 -9.55 11.03 19.92
CA SER B 173 -10.75 11.13 20.75
C SER B 173 -11.62 12.32 20.36
N GLN B 174 -11.29 12.90 19.23
CA GLN B 174 -12.12 13.95 18.63
C GLN B 174 -13.54 13.42 18.35
N ARG B 175 -14.55 14.24 18.58
CA ARG B 175 -15.90 13.72 18.41
C ARG B 175 -16.37 14.23 17.08
N GLY B 176 -16.36 13.32 16.12
CA GLY B 176 -16.54 13.63 14.73
C GLY B 176 -17.88 13.17 14.21
N GLY B 177 -18.67 12.54 15.09
CA GLY B 177 -19.89 11.94 14.61
C GLY B 177 -20.83 12.94 14.01
N GLU B 178 -20.86 14.16 14.57
CA GLU B 178 -21.82 15.12 14.08
C GLU B 178 -21.45 15.59 12.67
N GLN B 179 -20.15 15.72 12.41
CA GLN B 179 -19.75 16.06 11.01
C GLN B 179 -20.00 14.95 10.00
N GLN B 180 -19.80 13.72 10.45
CA GLN B 180 -20.03 12.54 9.57
C GLN B 180 -21.52 12.39 9.30
N ALA B 181 -22.32 12.54 10.38
CA ALA B 181 -23.75 12.38 10.28
C ALA B 181 -24.31 13.44 9.32
N ALA B 182 -23.74 14.66 9.36
CA ALA B 182 -24.17 15.68 8.41
C ALA B 182 -24.03 15.24 6.97
N ILE B 183 -22.87 14.67 6.65
CA ILE B 183 -22.59 14.23 5.28
C ILE B 183 -23.47 13.06 4.88
N PHE B 184 -23.58 12.08 5.75
CA PHE B 184 -24.40 10.92 5.47
C PHE B 184 -25.86 11.35 5.16
N GLU B 185 -26.41 12.26 5.97
CA GLU B 185 -27.81 12.64 5.80
C GLU B 185 -28.00 13.46 4.53
N SER B 186 -26.95 14.19 4.14
CA SER B 186 -27.01 15.00 2.92
C SER B 186 -27.17 14.05 1.72
N GLU B 187 -26.66 12.83 1.84
CA GLU B 187 -26.84 11.79 0.82
C GLU B 187 -28.12 10.96 0.96
N GLY B 188 -28.93 11.24 1.98
CA GLY B 188 -30.17 10.49 2.22
C GLY B 188 -30.05 9.15 2.91
N LEU B 189 -28.92 8.92 3.56
CA LEU B 189 -28.67 7.64 4.25
C LEU B 189 -29.38 7.65 5.59
N SER B 190 -30.09 6.57 5.87
CA SER B 190 -30.75 6.49 7.17
C SER B 190 -29.72 6.29 8.26
N PRO B 191 -29.87 6.98 9.38
CA PRO B 191 -29.02 6.80 10.54
C PRO B 191 -28.93 5.38 11.09
N SER B 192 -29.99 4.63 10.90
CA SER B 192 -30.04 3.27 11.38
C SER B 192 -29.10 2.33 10.58
N ARG B 193 -28.53 2.84 9.50
CA ARG B 193 -27.49 2.12 8.72
C ARG B 193 -26.10 2.51 9.13
N VAL B 194 -25.95 3.37 10.14
CA VAL B 194 -24.62 3.94 10.40
C VAL B 194 -24.26 3.68 11.87
N CYS B 195 -23.03 3.22 12.12
CA CYS B 195 -22.52 3.13 13.49
C CYS B 195 -21.41 4.15 13.60
N ILE B 196 -21.51 5.03 14.59
CA ILE B 196 -20.42 5.97 14.82
C ILE B 196 -19.49 5.33 15.84
N GLY B 197 -18.34 4.91 15.34
CA GLY B 197 -17.42 4.06 16.10
C GLY B 197 -16.43 4.80 16.98
N HIS B 198 -15.74 4.03 17.83
CA HIS B 198 -14.78 4.55 18.80
C HIS B 198 -15.47 5.62 19.67
N SER B 199 -16.79 5.51 19.87
CA SER B 199 -17.53 6.51 20.65
C SER B 199 -17.23 6.34 22.17
N ASP B 200 -16.55 5.27 22.56
CA ASP B 200 -16.15 5.13 23.94
C ASP B 200 -14.87 5.93 24.26
N GLU B 201 -14.27 6.59 23.26
CA GLU B 201 -13.06 7.42 23.46
C GLU B 201 -13.36 8.72 24.20
N THR B 202 -14.65 9.04 24.29
CA THR B 202 -15.10 10.27 24.89
C THR B 202 -16.06 9.97 26.05
N ASP B 203 -16.06 10.87 27.04
CA ASP B 203 -17.04 10.90 28.11
C ASP B 203 -18.21 11.84 27.86
N ASP B 204 -18.34 12.38 26.65
CA ASP B 204 -19.32 13.41 26.55
C ASP B 204 -20.63 12.67 26.21
N LEU B 205 -21.43 12.54 27.25
CA LEU B 205 -22.66 11.77 27.22
C LEU B 205 -23.70 12.56 26.43
N SER B 206 -23.64 13.91 26.48
CA SER B 206 -24.58 14.71 25.69
C SER B 206 -24.39 14.46 24.19
N TYR B 207 -23.14 14.41 23.76
CA TYR B 207 -22.79 14.04 22.40
C TYR B 207 -23.31 12.64 22.02
N LEU B 208 -23.05 11.65 22.86
CA LEU B 208 -23.50 10.27 22.56
C LEU B 208 -25.03 10.14 22.52
N THR B 209 -25.70 10.79 23.47
CA THR B 209 -27.12 10.60 23.59
C THR B 209 -27.82 11.24 22.42
N ALA B 210 -27.31 12.41 21.98
CA ALA B 210 -27.97 13.03 20.86
C ALA B 210 -27.88 12.26 19.57
N LEU B 211 -26.71 11.66 19.30
CA LEU B 211 -26.58 10.78 18.16
C LEU B 211 -27.51 9.56 18.27
N ALA B 212 -27.52 8.94 19.43
CA ALA B 212 -28.40 7.80 19.66
C ALA B 212 -29.88 8.17 19.42
N ALA B 213 -30.22 9.39 19.84
CA ALA B 213 -31.63 9.80 19.75
C ALA B 213 -32.01 10.02 18.28
N ARG B 214 -30.99 10.27 17.42
CA ARG B 214 -31.25 10.37 15.99
C ARG B 214 -31.34 8.98 15.28
N GLY B 215 -31.04 7.91 15.99
CA GLY B 215 -31.17 6.56 15.47
C GLY B 215 -29.83 6.01 15.01
N TYR B 216 -28.75 6.77 15.26
CA TYR B 216 -27.38 6.24 14.92
C TYR B 216 -27.07 5.09 15.86
N LEU B 217 -26.31 4.09 15.41
CA LEU B 217 -25.77 3.13 16.36
C LEU B 217 -24.51 3.74 16.95
N ILE B 218 -24.31 3.46 18.24
CA ILE B 218 -23.16 4.00 18.96
C ILE B 218 -22.13 2.90 19.22
N GLY B 219 -20.99 2.95 18.48
CA GLY B 219 -20.00 1.89 18.78
C GLY B 219 -19.24 2.15 20.05
N LEU B 220 -19.39 1.37 21.13
CA LEU B 220 -18.47 1.55 22.23
C LEU B 220 -17.66 0.25 22.02
N ASP B 221 -16.65 0.50 21.23
CA ASP B 221 -15.91 -0.61 20.61
C ASP B 221 -14.48 -0.90 20.99
N ARG B 222 -13.94 -0.06 21.83
CA ARG B 222 -12.57 -0.10 22.38
C ARG B 222 -12.35 -0.60 23.80
N ILE B 223 -13.39 -1.21 24.40
CA ILE B 223 -13.47 -1.27 25.86
C ILE B 223 -12.14 -1.66 26.57
N PRO B 224 -11.45 -2.73 26.14
CA PRO B 224 -10.21 -3.09 26.82
C PRO B 224 -9.03 -2.14 26.65
N HIS B 225 -9.08 -1.16 25.74
CA HIS B 225 -7.84 -0.46 25.49
C HIS B 225 -7.62 0.51 26.61
N SER B 226 -6.54 0.26 27.33
CA SER B 226 -6.11 1.16 28.40
C SER B 226 -4.61 1.10 28.54
N ALA B 227 -3.98 2.26 28.62
CA ALA B 227 -2.55 2.36 28.93
C ALA B 227 -2.24 2.62 30.42
N ILE B 228 -3.23 2.53 31.27
CA ILE B 228 -2.95 2.72 32.68
C ILE B 228 -2.00 1.64 33.16
N GLY B 229 -0.90 2.06 33.78
CA GLY B 229 0.17 1.19 34.25
C GLY B 229 1.28 1.19 33.22
N LEU B 230 0.93 1.69 32.04
CA LEU B 230 1.83 1.73 30.92
C LEU B 230 2.19 3.16 30.60
N GLU B 231 2.05 4.00 31.62
CA GLU B 231 2.31 5.41 31.51
C GLU B 231 3.70 5.73 30.97
N ASP B 232 4.63 4.82 31.20
CA ASP B 232 5.99 5.01 30.71
C ASP B 232 6.19 4.57 29.23
N ASN B 233 5.11 4.14 28.57
CA ASN B 233 5.19 3.77 27.16
C ASN B 233 4.37 4.71 26.33
N ALA B 234 5.01 5.68 25.70
CA ALA B 234 4.24 6.79 25.11
C ALA B 234 3.48 6.32 23.87
N SER B 235 4.04 5.31 23.19
CA SER B 235 3.32 4.69 22.08
C SER B 235 2.03 4.00 22.59
N ALA B 236 2.08 3.37 23.77
CA ALA B 236 0.88 2.72 24.35
C ALA B 236 -0.24 3.71 24.72
N THR B 237 0.15 4.80 25.37
CA THR B 237 -0.80 5.85 25.72
C THR B 237 -1.47 6.49 24.51
N ALA B 238 -0.71 6.71 23.44
CA ALA B 238 -1.31 7.26 22.24
C ALA B 238 -2.31 6.31 21.61
N PHE B 239 -2.01 5.01 21.64
CA PHE B 239 -2.92 4.06 21.00
C PHE B 239 -4.15 3.70 21.87
N MET B 240 -3.91 3.39 23.15
N MET B 240 -3.91 3.43 23.16
CA MET B 240 -4.97 2.90 24.04
CA MET B 240 -4.96 2.91 24.03
C MET B 240 -5.65 3.91 24.98
C MET B 240 -5.63 3.90 25.00
N GLY B 241 -5.09 5.10 25.13
CA GLY B 241 -5.64 6.11 26.01
C GLY B 241 -5.40 5.85 27.50
N SER B 242 -5.74 6.86 28.30
CA SER B 242 -5.60 6.86 29.77
C SER B 242 -6.86 6.53 30.56
N ARG B 243 -7.95 6.22 29.87
CA ARG B 243 -9.18 5.88 30.58
C ARG B 243 -9.26 4.38 30.84
N SER B 244 -9.73 3.98 32.01
CA SER B 244 -9.86 2.56 32.32
C SER B 244 -10.94 1.88 31.51
N TRP B 245 -10.83 0.55 31.38
CA TRP B 245 -11.90 -0.17 30.75
C TRP B 245 -13.28 -0.03 31.43
N GLN B 246 -13.32 0.12 32.74
CA GLN B 246 -14.60 0.27 33.44
C GLN B 246 -15.25 1.60 33.03
N THR B 247 -14.43 2.63 32.90
CA THR B 247 -14.92 3.95 32.49
C THR B 247 -15.55 3.84 31.13
N ARG B 248 -14.83 3.18 30.21
CA ARG B 248 -15.40 2.89 28.90
C ARG B 248 -16.72 2.08 29.09
N ALA B 249 -16.69 1.03 29.91
CA ALA B 249 -17.86 0.15 30.02
C ALA B 249 -19.08 0.85 30.62
N LEU B 250 -18.83 1.78 31.52
CA LEU B 250 -19.92 2.54 32.14
C LEU B 250 -20.71 3.44 31.15
N LEU B 251 -20.12 3.75 29.99
CA LEU B 251 -20.90 4.41 28.95
C LEU B 251 -22.00 3.52 28.44
N ILE B 252 -21.79 2.19 28.45
CA ILE B 252 -22.83 1.26 28.03
C ILE B 252 -24.01 1.44 29.02
N LYS B 253 -23.68 1.38 30.30
CA LYS B 253 -24.70 1.62 31.32
C LYS B 253 -25.39 2.97 31.14
N ALA B 254 -24.59 4.02 30.98
CA ALA B 254 -25.16 5.35 30.88
C ALA B 254 -26.17 5.42 29.73
N LEU B 255 -25.83 4.88 28.56
CA LEU B 255 -26.75 4.92 27.44
C LEU B 255 -28.01 4.04 27.67
N ILE B 256 -27.85 2.90 28.33
CA ILE B 256 -29.01 2.07 28.71
C ILE B 256 -29.91 2.94 29.59
N ASP B 257 -29.29 3.65 30.52
CA ASP B 257 -30.07 4.36 31.55
C ASP B 257 -30.85 5.54 30.97
N GLN B 258 -30.44 6.00 29.78
CA GLN B 258 -31.05 7.16 29.12
C GLN B 258 -32.10 6.70 28.13
N GLY B 259 -32.28 5.37 28.03
CA GLY B 259 -33.30 4.76 27.17
C GLY B 259 -32.84 4.28 25.81
N TYR B 260 -31.53 4.29 25.62
CA TYR B 260 -30.88 4.01 24.34
C TYR B 260 -30.37 2.59 24.05
N MET B 261 -30.71 1.60 24.89
CA MET B 261 -30.13 0.28 24.73
C MET B 261 -30.13 -0.22 23.29
N LYS B 262 -31.15 0.12 22.47
CA LYS B 262 -31.21 -0.42 21.11
C LYS B 262 -30.17 0.18 20.15
N GLN B 263 -29.56 1.25 20.58
CA GLN B 263 -28.59 1.94 19.73
C GLN B 263 -27.17 1.55 19.99
N ILE B 264 -26.92 0.65 20.91
CA ILE B 264 -25.57 0.39 21.40
C ILE B 264 -24.95 -0.88 20.78
N LEU B 265 -23.71 -0.74 20.30
CA LEU B 265 -22.95 -1.87 19.79
C LEU B 265 -21.64 -1.93 20.60
N VAL B 266 -21.28 -3.11 21.09
CA VAL B 266 -20.13 -3.24 21.97
C VAL B 266 -19.05 -4.14 21.35
N SER B 267 -17.79 -3.75 21.52
CA SER B 267 -16.71 -4.59 20.96
C SER B 267 -15.35 -4.31 21.64
N ASN B 268 -14.31 -5.08 21.25
CA ASN B 268 -12.97 -4.85 21.78
C ASN B 268 -11.96 -4.08 20.87
N ASP B 269 -12.25 -3.97 19.59
N ASP B 269 -12.24 -4.02 19.58
CA ASP B 269 -11.25 -3.47 18.64
CA ASP B 269 -11.24 -3.48 18.62
C ASP B 269 -9.91 -4.18 18.85
C ASP B 269 -9.89 -4.17 18.84
N TRP B 270 -9.94 -5.50 18.98
CA TRP B 270 -8.72 -6.26 19.18
C TRP B 270 -8.10 -6.72 17.85
N LEU B 271 -6.92 -7.37 17.89
CA LEU B 271 -6.42 -8.04 16.69
C LEU B 271 -5.38 -9.03 17.14
N PHE B 272 -4.94 -9.86 16.20
CA PHE B 272 -3.94 -10.89 16.47
C PHE B 272 -2.54 -10.61 15.95
N GLY B 273 -2.44 -9.53 15.17
CA GLY B 273 -1.14 -9.09 14.68
C GLY B 273 -1.33 -7.63 14.25
N ILE B 274 -0.29 -6.83 14.34
CA ILE B 274 -0.39 -5.40 13.88
C ILE B 274 0.94 -4.97 13.35
N SER B 275 0.97 -4.52 12.10
CA SER B 275 2.20 -3.97 11.52
C SER B 275 2.13 -2.47 11.27
N SER B 276 0.95 -1.88 11.43
N SER B 276 0.95 -1.89 11.45
CA SER B 276 0.74 -0.48 11.02
CA SER B 276 0.69 -0.51 11.07
C SER B 276 1.17 0.54 12.10
C SER B 276 1.00 0.49 12.18
N TYR B 277 1.72 0.02 13.19
CA TYR B 277 2.08 0.87 14.33
C TYR B 277 3.47 0.44 14.74
N VAL B 278 3.93 0.75 15.95
CA VAL B 278 5.30 0.40 16.33
C VAL B 278 5.51 -1.12 16.40
N THR B 279 6.77 -1.53 16.27
CA THR B 279 7.12 -2.94 16.23
C THR B 279 6.80 -3.59 17.63
N ASN B 280 6.32 -4.81 17.61
CA ASN B 280 5.99 -5.54 18.85
C ASN B 280 4.88 -4.86 19.66
N PHE B 281 4.08 -4.02 19.02
CA PHE B 281 2.96 -3.41 19.74
C PHE B 281 1.96 -4.47 20.16
N MET B 282 1.86 -5.55 19.39
CA MET B 282 0.92 -6.60 19.76
C MET B 282 1.22 -7.10 21.17
N ASP B 283 2.51 -7.20 21.49
CA ASP B 283 2.93 -7.68 22.84
C ASP B 283 2.41 -6.75 23.95
N VAL B 284 2.50 -5.45 23.71
CA VAL B 284 2.04 -4.45 24.68
C VAL B 284 0.55 -4.65 24.84
N MET B 285 -0.18 -4.77 23.71
CA MET B 285 -1.63 -5.04 23.75
C MET B 285 -1.98 -6.31 24.49
N ASP B 286 -1.26 -7.38 24.20
CA ASP B 286 -1.54 -8.67 24.79
C ASP B 286 -1.31 -8.64 26.30
N SER B 287 -0.38 -7.81 26.74
N SER B 287 -0.36 -7.83 26.74
CA SER B 287 -0.08 -7.69 28.18
CA SER B 287 -0.11 -7.69 28.18
C SER B 287 -1.11 -6.87 28.96
C SER B 287 -1.32 -7.07 28.88
N VAL B 288 -1.86 -6.01 28.27
CA VAL B 288 -2.99 -5.28 28.88
C VAL B 288 -4.27 -6.09 28.90
N ASN B 289 -4.50 -6.90 27.87
CA ASN B 289 -5.73 -7.65 27.78
C ASN B 289 -5.41 -9.06 27.30
N PRO B 290 -4.95 -9.91 28.24
CA PRO B 290 -4.67 -11.30 27.86
C PRO B 290 -5.92 -12.02 27.39
N ASP B 291 -7.09 -11.48 27.71
N ASP B 291 -7.10 -11.50 27.69
CA ASP B 291 -8.39 -12.01 27.28
CA ASP B 291 -8.33 -12.12 27.24
C ASP B 291 -8.73 -11.77 25.79
C ASP B 291 -8.58 -11.92 25.73
N GLY B 292 -7.97 -10.91 25.13
CA GLY B 292 -8.20 -10.67 23.71
C GLY B 292 -9.65 -10.35 23.41
N MET B 293 -10.22 -11.02 22.41
CA MET B 293 -11.62 -10.80 22.00
C MET B 293 -12.61 -11.33 23.03
N ALA B 294 -12.18 -12.25 23.87
CA ALA B 294 -13.10 -12.75 24.92
C ALA B 294 -13.32 -11.76 26.05
N PHE B 295 -12.60 -10.64 26.01
CA PHE B 295 -12.72 -9.59 27.02
C PHE B 295 -14.17 -9.14 27.22
N ILE B 296 -14.92 -8.96 26.14
CA ILE B 296 -16.31 -8.43 26.26
C ILE B 296 -17.23 -9.44 26.99
N PRO B 297 -17.32 -10.68 26.47
CA PRO B 297 -18.17 -11.66 27.19
C PRO B 297 -17.69 -11.97 28.60
N LEU B 298 -16.39 -12.07 28.77
CA LEU B 298 -15.86 -12.57 30.03
C LEU B 298 -15.82 -11.54 31.11
N ARG B 299 -15.54 -10.29 30.75
CA ARG B 299 -15.33 -9.31 31.75
C ARG B 299 -16.33 -8.13 31.73
N VAL B 300 -16.59 -7.52 30.59
CA VAL B 300 -17.58 -6.44 30.55
C VAL B 300 -19.00 -6.91 30.90
N ILE B 301 -19.44 -8.03 30.32
CA ILE B 301 -20.82 -8.48 30.51
C ILE B 301 -21.18 -8.68 32.01
N PRO B 302 -20.31 -9.41 32.75
CA PRO B 302 -20.57 -9.64 34.17
C PRO B 302 -20.49 -8.33 34.94
N PHE B 303 -19.58 -7.45 34.53
CA PHE B 303 -19.49 -6.09 35.07
C PHE B 303 -20.81 -5.35 34.94
N LEU B 304 -21.42 -5.41 33.75
CA LEU B 304 -22.71 -4.72 33.61
C LEU B 304 -23.86 -5.41 34.39
N ARG B 305 -23.90 -6.75 34.38
CA ARG B 305 -24.87 -7.51 35.21
C ARG B 305 -24.74 -7.09 36.65
N GLU B 306 -23.48 -7.00 37.09
CA GLU B 306 -23.23 -6.61 38.48
C GLU B 306 -23.71 -5.20 38.82
N LYS B 307 -23.73 -4.32 37.83
CA LYS B 307 -24.18 -2.94 38.06
C LYS B 307 -25.70 -2.88 37.96
N GLY B 308 -26.31 -4.04 37.73
CA GLY B 308 -27.76 -4.13 37.76
C GLY B 308 -28.46 -4.22 36.44
N ILE B 309 -27.72 -4.18 35.33
CA ILE B 309 -28.35 -4.37 34.05
C ILE B 309 -28.88 -5.79 33.91
N PRO B 310 -30.09 -5.93 33.42
CA PRO B 310 -30.78 -7.20 33.15
C PRO B 310 -30.12 -8.03 32.02
N GLN B 311 -29.98 -9.33 32.24
CA GLN B 311 -29.36 -10.20 31.26
C GLN B 311 -30.05 -9.96 29.95
N GLU B 312 -31.36 -9.78 29.97
CA GLU B 312 -32.08 -9.59 28.72
C GLU B 312 -31.61 -8.35 27.94
N THR B 313 -31.25 -7.30 28.68
CA THR B 313 -30.84 -6.04 28.03
C THR B 313 -29.44 -6.30 27.43
N LEU B 314 -28.61 -7.03 28.17
CA LEU B 314 -27.28 -7.40 27.60
C LEU B 314 -27.35 -8.31 26.38
N ALA B 315 -28.28 -9.25 26.38
CA ALA B 315 -28.48 -10.07 25.21
C ALA B 315 -28.97 -9.23 24.06
N GLY B 316 -29.81 -8.24 24.36
CA GLY B 316 -30.29 -7.35 23.32
C GLY B 316 -29.14 -6.57 22.64
N ILE B 317 -28.16 -6.20 23.42
CA ILE B 317 -27.09 -5.35 22.86
C ILE B 317 -26.17 -6.24 22.08
N THR B 318 -25.87 -7.44 22.61
CA THR B 318 -24.86 -8.29 21.98
C THR B 318 -25.37 -9.24 20.89
N VAL B 319 -26.68 -9.44 20.84
CA VAL B 319 -27.28 -10.27 19.83
C VAL B 319 -28.20 -9.50 18.94
N THR B 320 -29.26 -8.91 19.52
CA THR B 320 -30.26 -8.27 18.67
C THR B 320 -29.79 -7.07 17.90
N ASN B 321 -29.16 -6.14 18.60
CA ASN B 321 -28.64 -4.92 17.95
C ASN B 321 -27.69 -5.24 16.74
N PRO B 322 -26.72 -6.16 16.93
CA PRO B 322 -25.82 -6.42 15.77
C PRO B 322 -26.54 -7.05 14.61
N ALA B 323 -27.52 -7.95 14.89
CA ALA B 323 -28.26 -8.51 13.78
C ALA B 323 -29.10 -7.51 13.00
N ARG B 324 -29.75 -6.59 13.70
CA ARG B 324 -30.52 -5.56 13.03
C ARG B 324 -29.60 -4.63 12.21
N PHE B 325 -28.43 -4.37 12.76
CA PHE B 325 -27.45 -3.49 12.12
C PHE B 325 -26.90 -4.15 10.83
N LEU B 326 -26.52 -5.42 10.94
CA LEU B 326 -25.85 -6.11 9.82
C LEU B 326 -26.80 -6.54 8.71
N SER B 327 -28.07 -6.87 9.09
CA SER B 327 -28.95 -7.34 8.03
C SER B 327 -29.19 -6.28 6.95
N PRO B 328 -28.93 -6.57 5.68
CA PRO B 328 -29.04 -5.51 4.67
C PRO B 328 -30.50 -5.00 4.53
N THR B 329 -30.64 -3.70 4.32
CA THR B 329 -31.95 -3.10 4.14
C THR B 329 -32.24 -2.59 2.75
ZN ZN C . 9.94 5.05 -12.69
ZN ZN D . 10.74 7.96 -10.34
ZN ZN E . 11.71 6.78 -12.71
ZN ZN F . -10.55 -0.96 14.58
ZN ZN G . -10.61 2.89 14.17
ZN ZN H . -11.51 0.61 15.60
CAA HLN I . -2.08 2.43 13.63
CAB HLN I . -2.63 1.10 13.23
CAC HLN I . -3.69 0.37 14.02
CAD HLN I . -4.69 -0.46 13.28
CAE HLN I . -6.09 -0.53 13.86
CAF HLN I . -7.13 0.35 13.22
PAG HLN I . -8.32 1.24 14.36
OAH HLN I . -9.85 0.68 14.25
OAI HLN I . -8.38 2.72 13.91
OAJ HLN I . -7.65 1.22 15.75
CAR HLN I . -7.28 2.34 16.50
CAQ HLN I . -8.25 3.22 16.98
CAK HLN I . -7.92 4.36 17.76
CAP HLN I . -8.96 5.23 18.23
CAO HLN I . -8.63 6.36 19.00
CAN HLN I . -7.31 6.60 19.33
CAM HLN I . -6.30 5.76 18.87
CAL HLN I . -6.62 4.62 18.07
CAT HLN I . -5.60 3.72 17.61
CAS HLN I . -5.93 2.60 16.83
#